data_3SYJ
#
_entry.id   3SYJ
#
_cell.length_a   41.410
_cell.length_b   137.200
_cell.length_c   209.580
_cell.angle_alpha   90.00
_cell.angle_beta   90.00
_cell.angle_gamma   90.00
#
_symmetry.space_group_name_H-M   'P 21 21 21'
#
loop_
_entity.id
_entity.type
_entity.pdbx_description
1 polymer 'Adhesion and penetration protein autotransporter'
2 water water
#
_entity_poly.entity_id   1
_entity_poly.type   'polypeptide(L)'
_entity_poly.pdbx_seq_one_letter_code
;GHTYFGIDYQYYRDFAENKGKFTVGAQNIKVYNKQGQLVGTSMTKAPMIDFSVVSRNGVAALVENQYIVSVAHNVGYTDV
DFGAEGNNPDQHRFTYKIVKRNNYKKDNLHPYEDDYHNPRLHKFVTEAAPIDMTSNMNGSTYSDRTKYPERVRIGSGRQF
WRNDQDKGDQVAGAYHYLTAGNTHNQRGAGNGYSYLGGDVRKAGEYGPLPIAGSKGDSGSPMFIYDAEKQKWLINGILRE
GNPFEGKENGFQLVRKSYFDEIFERDLHTSLYTRAGNGVYTISGNDNGQGSITQKSGIPSEIKITLANMSLPLKEKDKVH
NPRYDGPNIYSPRLNNGETLYFMDQKQGSLIFASDINQGAGGLYFEGNFTVSPNSNQTWQGAGIHVSENSTVTWKVNGVE
HDRLSKIGKGTLHVQAKGENKGSISVGDGKVILEQQADDQGNKQAFSEIGLVSGRGTVQLNDDKQFDTDKFYFGFRGGRL
DLNGHSLTFKRIQNTDEGAMIVNHNTTQAANVTITGNESIVLPNGNNINKLDYRKEIAYNGWFGETDKNKHNGRLNLIYK
PTTEDRTLLLSGGTNLKGDITQTKGKLFFSGRPTPHAYNHLNKRWSEMEGIPQGEIVWDHDWINRTFKAENFQIKGGSAV
VSRNVSSIEGNWTVSNNANATFGVVPNQQNTICTRSDWTGLTTCQKVDLTDTKVINSIPKTQINGSINLTDNATANVKGL
AKLNGNVTLTNHSQFTLSNNATQIGNIRLSDNSTATVDNANLNGNVHLTDSAQFSLKNSHFSHQIQGDKGTTVTLENATW
TMPSDTTLQNLTLNNSTITLNSAYSASSNNTPRRRSLETETTPTSAEHRFNTLTVNGKLSGQGTFQFTSSLFGYKSDKLK
LSNDAEGDYILSVRNTGKEPETLEQLTLVESKDNQPLSDKLKFTLENDHVDAGALRYKLVKNDGEFRLHNPIKEQELHND
LVRAEQAERTLEAKQVEPTAKTQTGEPKVRSRRAARAAFPDTLPDQSLLNA
;
_entity_poly.pdbx_strand_id   A
#
# COMPACT_ATOMS: atom_id res chain seq x y z
N GLY A 1 -29.51 -7.26 -6.94
CA GLY A 1 -29.52 -7.69 -8.33
C GLY A 1 -29.37 -9.19 -8.50
N HIS A 2 -29.39 -9.64 -9.76
CA HIS A 2 -29.32 -11.05 -10.08
C HIS A 2 -28.01 -11.40 -10.73
N THR A 3 -27.26 -12.28 -10.09
CA THR A 3 -26.01 -12.78 -10.65
C THR A 3 -26.18 -14.22 -11.15
N TYR A 4 -25.16 -14.71 -11.84
CA TYR A 4 -25.14 -16.06 -12.38
C TYR A 4 -24.35 -16.98 -11.45
N PHE A 5 -25.05 -17.95 -10.86
CA PHE A 5 -24.45 -18.90 -9.93
C PHE A 5 -23.37 -19.77 -10.60
N GLY A 6 -23.34 -19.76 -11.93
CA GLY A 6 -22.30 -20.47 -12.66
C GLY A 6 -20.95 -19.78 -12.63
N ILE A 7 -20.92 -18.56 -12.09
CA ILE A 7 -19.69 -17.79 -11.93
C ILE A 7 -19.53 -17.39 -10.47
N ASP A 8 -18.30 -17.47 -9.95
CA ASP A 8 -18.02 -17.10 -8.56
C ASP A 8 -18.68 -15.78 -8.22
N TYR A 9 -19.39 -15.76 -7.09
CA TYR A 9 -20.04 -14.55 -6.62
C TYR A 9 -18.99 -13.47 -6.40
N GLN A 10 -17.78 -13.88 -6.05
CA GLN A 10 -16.71 -12.93 -5.76
C GLN A 10 -16.48 -11.91 -6.89
N TYR A 11 -16.63 -12.35 -8.14
CA TYR A 11 -16.46 -11.44 -9.27
C TYR A 11 -17.37 -10.22 -9.13
N TYR A 12 -18.63 -10.48 -8.87
CA TYR A 12 -19.61 -9.42 -8.78
C TYR A 12 -19.39 -8.52 -7.57
N ARG A 13 -18.85 -9.10 -6.51
CA ARG A 13 -18.58 -8.31 -5.31
C ARG A 13 -17.34 -7.44 -5.54
N ASP A 14 -16.28 -8.04 -6.06
CA ASP A 14 -15.04 -7.29 -6.34
C ASP A 14 -15.31 -6.16 -7.32
N PHE A 15 -16.11 -6.46 -8.34
CA PHE A 15 -16.49 -5.48 -9.36
C PHE A 15 -17.05 -4.23 -8.70
N ALA A 16 -18.00 -4.41 -7.79
CA ALA A 16 -18.68 -3.27 -7.16
C ALA A 16 -17.76 -2.48 -6.23
N GLU A 17 -16.83 -3.17 -5.59
CA GLU A 17 -15.92 -2.53 -4.63
C GLU A 17 -14.60 -2.10 -5.27
N ASN A 18 -14.47 -2.26 -6.58
CA ASN A 18 -13.18 -2.03 -7.25
C ASN A 18 -12.05 -2.78 -6.55
N LYS A 19 -12.31 -4.05 -6.22
CA LYS A 19 -11.31 -4.89 -5.60
C LYS A 19 -10.94 -6.06 -6.49
N GLY A 20 -10.21 -7.03 -5.94
CA GLY A 20 -9.62 -8.06 -6.77
C GLY A 20 -8.91 -7.41 -7.95
N LYS A 21 -9.20 -7.91 -9.14
CA LYS A 21 -8.54 -7.41 -10.33
C LYS A 21 -9.24 -6.18 -10.87
N PHE A 22 -10.35 -5.81 -10.26
CA PHE A 22 -11.18 -4.73 -10.77
C PHE A 22 -10.86 -3.37 -10.15
N THR A 23 -9.57 -3.11 -9.99
CA THR A 23 -9.12 -1.83 -9.49
C THR A 23 -9.38 -0.79 -10.56
N VAL A 24 -9.51 0.46 -10.15
CA VAL A 24 -9.86 1.51 -11.09
C VAL A 24 -8.81 1.57 -12.21
N GLY A 25 -9.29 1.68 -13.45
CA GLY A 25 -8.40 1.81 -14.60
C GLY A 25 -7.94 0.50 -15.20
N ALA A 26 -8.04 -0.59 -14.44
CA ALA A 26 -7.61 -1.90 -14.90
C ALA A 26 -8.30 -2.31 -16.19
N GLN A 27 -7.64 -3.16 -16.98
CA GLN A 27 -8.21 -3.61 -18.24
C GLN A 27 -7.94 -5.08 -18.54
N ASN A 28 -8.76 -5.65 -19.43
CA ASN A 28 -8.57 -7.03 -19.84
C ASN A 28 -8.57 -8.00 -18.68
N ILE A 29 -9.62 -7.97 -17.86
CA ILE A 29 -9.75 -8.92 -16.76
C ILE A 29 -10.45 -10.19 -17.25
N LYS A 30 -9.73 -11.30 -17.19
CA LYS A 30 -10.29 -12.57 -17.58
C LYS A 30 -11.30 -13.05 -16.54
N VAL A 31 -12.44 -13.53 -17.00
CA VAL A 31 -13.48 -14.05 -16.11
C VAL A 31 -13.76 -15.50 -16.43
N TYR A 32 -13.49 -16.38 -15.47
CA TYR A 32 -13.69 -17.83 -15.65
C TYR A 32 -14.94 -18.29 -14.92
N ASN A 33 -15.61 -19.31 -15.45
CA ASN A 33 -16.74 -19.89 -14.73
C ASN A 33 -16.29 -20.91 -13.68
N LYS A 34 -17.26 -21.52 -13.00
CA LYS A 34 -16.91 -22.43 -11.92
C LYS A 34 -16.25 -23.70 -12.46
N GLN A 35 -16.34 -23.91 -13.77
CA GLN A 35 -15.67 -25.03 -14.40
C GLN A 35 -14.29 -24.63 -14.90
N GLY A 36 -13.85 -23.43 -14.52
CA GLY A 36 -12.52 -22.97 -14.83
C GLY A 36 -12.36 -22.65 -16.29
N GLN A 37 -13.48 -22.36 -16.95
CA GLN A 37 -13.43 -22.04 -18.36
C GLN A 37 -13.66 -20.55 -18.61
N LEU A 38 -12.91 -19.99 -19.55
CA LEU A 38 -13.04 -18.58 -19.88
C LEU A 38 -14.44 -18.23 -20.39
N VAL A 39 -15.10 -17.32 -19.68
CA VAL A 39 -16.41 -16.85 -20.10
C VAL A 39 -16.26 -15.64 -21.01
N GLY A 40 -15.29 -14.79 -20.69
CA GLY A 40 -15.03 -13.59 -21.44
C GLY A 40 -13.95 -12.75 -20.80
N THR A 41 -13.55 -11.68 -21.47
CA THR A 41 -12.57 -10.78 -20.90
C THR A 41 -13.21 -9.42 -20.65
N SER A 42 -13.07 -8.93 -19.44
CA SER A 42 -13.75 -7.72 -19.02
C SER A 42 -12.89 -6.46 -19.23
N MET A 43 -13.55 -5.35 -19.56
CA MET A 43 -12.88 -4.05 -19.72
C MET A 43 -11.75 -4.08 -20.76
N THR A 44 -12.07 -4.56 -21.96
CA THR A 44 -11.09 -4.63 -23.03
C THR A 44 -11.10 -3.33 -23.81
N LYS A 45 -12.19 -2.58 -23.69
CA LYS A 45 -12.36 -1.34 -24.44
C LYS A 45 -12.54 -0.08 -23.57
N ALA A 46 -12.36 -0.22 -22.26
CA ALA A 46 -12.38 0.93 -21.37
C ALA A 46 -11.62 0.58 -20.11
N PRO A 47 -10.98 1.58 -19.49
CA PRO A 47 -10.37 1.36 -18.17
C PRO A 47 -11.50 1.16 -17.16
N MET A 48 -11.32 0.24 -16.21
CA MET A 48 -12.36 -0.04 -15.21
C MET A 48 -12.89 1.23 -14.54
N ILE A 49 -14.21 1.37 -14.52
CA ILE A 49 -14.89 2.51 -13.93
C ILE A 49 -14.48 2.75 -12.47
N ASP A 50 -14.52 4.00 -12.01
CA ASP A 50 -14.26 4.31 -10.62
C ASP A 50 -15.62 4.39 -9.94
N PHE A 51 -15.97 3.36 -9.17
CA PHE A 51 -17.30 3.31 -8.55
C PHE A 51 -17.38 4.16 -7.26
N SER A 52 -16.30 4.85 -6.90
CA SER A 52 -16.32 5.66 -5.68
C SER A 52 -17.37 6.79 -5.73
N VAL A 53 -17.86 7.11 -6.93
CA VAL A 53 -18.90 8.14 -7.09
C VAL A 53 -20.29 7.63 -6.72
N VAL A 54 -20.40 6.32 -6.49
CA VAL A 54 -21.65 5.71 -6.07
C VAL A 54 -21.75 5.64 -4.55
N SER A 55 -22.90 6.03 -4.02
CA SER A 55 -23.06 6.02 -2.58
C SER A 55 -22.96 4.60 -2.07
N ARG A 56 -22.44 4.44 -0.86
CA ARG A 56 -22.34 3.14 -0.22
C ARG A 56 -23.65 2.36 -0.23
N ASN A 57 -24.78 3.04 -0.13
CA ASN A 57 -26.07 2.35 -0.09
C ASN A 57 -26.62 2.04 -1.47
N GLY A 58 -25.86 2.39 -2.50
CA GLY A 58 -26.17 1.99 -3.85
C GLY A 58 -27.31 2.73 -4.54
N VAL A 59 -28.00 3.62 -3.85
CA VAL A 59 -29.16 4.24 -4.47
C VAL A 59 -28.89 5.58 -5.15
N ALA A 60 -27.65 6.05 -5.11
CA ALA A 60 -27.34 7.36 -5.72
C ALA A 60 -25.92 7.52 -6.24
N ALA A 61 -25.73 8.49 -7.12
CA ALA A 61 -24.42 8.73 -7.69
C ALA A 61 -24.09 10.22 -7.66
N LEU A 62 -22.81 10.53 -7.50
CA LEU A 62 -22.34 11.91 -7.34
C LEU A 62 -22.15 12.59 -8.71
N VAL A 63 -23.01 13.56 -9.02
CA VAL A 63 -22.96 14.21 -10.32
C VAL A 63 -22.40 15.64 -10.26
N GLU A 64 -22.28 16.19 -9.06
CA GLU A 64 -21.57 17.45 -8.85
C GLU A 64 -21.00 17.42 -7.45
N ASN A 65 -20.28 18.47 -7.07
CA ASN A 65 -19.64 18.51 -5.76
C ASN A 65 -20.61 18.34 -4.59
N GLN A 66 -21.82 18.90 -4.73
CA GLN A 66 -22.82 18.74 -3.68
C GLN A 66 -24.17 18.26 -4.21
N TYR A 67 -24.16 17.50 -5.31
CA TYR A 67 -25.41 16.98 -5.87
C TYR A 67 -25.34 15.50 -6.23
N ILE A 68 -26.44 14.79 -5.97
CA ILE A 68 -26.56 13.40 -6.36
C ILE A 68 -27.78 13.22 -7.24
N VAL A 69 -27.94 12.02 -7.79
CA VAL A 69 -29.09 11.70 -8.62
C VAL A 69 -29.67 10.35 -8.19
N SER A 70 -30.99 10.24 -8.23
CA SER A 70 -31.69 9.02 -7.84
C SER A 70 -33.14 9.13 -8.29
N VAL A 71 -33.98 8.15 -7.94
CA VAL A 71 -35.40 8.24 -8.25
C VAL A 71 -36.17 8.93 -7.13
N ALA A 72 -37.21 9.69 -7.48
CA ALA A 72 -38.06 10.36 -6.50
C ALA A 72 -38.72 9.39 -5.53
N HIS A 73 -39.07 8.19 -6.00
CA HIS A 73 -39.81 7.27 -5.15
C HIS A 73 -38.95 6.72 -4.00
N ASN A 74 -37.64 6.95 -4.07
CA ASN A 74 -36.80 6.70 -2.91
C ASN A 74 -37.02 7.81 -1.92
N VAL A 75 -38.12 7.70 -1.17
CA VAL A 75 -38.62 8.81 -0.37
C VAL A 75 -38.12 8.80 1.07
N GLY A 76 -37.35 7.79 1.44
CA GLY A 76 -36.95 7.62 2.83
C GLY A 76 -35.55 8.07 3.25
N TYR A 77 -34.56 7.90 2.37
CA TYR A 77 -33.18 8.17 2.75
C TYR A 77 -32.94 9.67 2.90
N THR A 78 -32.12 10.06 3.86
CA THR A 78 -31.90 11.48 4.15
C THR A 78 -30.43 11.88 4.02
N ASP A 79 -29.59 10.92 3.67
CA ASP A 79 -28.15 11.17 3.58
C ASP A 79 -27.44 10.08 2.79
N VAL A 80 -26.20 10.36 2.39
CA VAL A 80 -25.40 9.38 1.67
C VAL A 80 -23.99 9.40 2.22
N ASP A 81 -23.23 8.34 1.96
CA ASP A 81 -21.80 8.37 2.28
C ASP A 81 -21.02 7.63 1.20
N PHE A 82 -19.69 7.79 1.23
CA PHE A 82 -18.85 7.32 0.15
C PHE A 82 -17.58 6.70 0.69
N GLY A 83 -16.83 6.02 -0.18
CA GLY A 83 -15.56 5.45 0.19
C GLY A 83 -15.52 3.96 0.04
N ALA A 84 -14.84 3.30 0.97
CA ALA A 84 -14.70 1.85 0.93
C ALA A 84 -15.58 1.19 1.97
N GLU A 85 -15.82 -0.10 1.79
CA GLU A 85 -16.67 -0.87 2.69
C GLU A 85 -15.91 -1.11 3.98
N GLY A 86 -16.63 -1.32 5.07
CA GLY A 86 -15.98 -1.76 6.29
C GLY A 86 -16.06 -0.82 7.47
N ASN A 87 -15.43 -1.22 8.57
CA ASN A 87 -15.59 -0.50 9.81
C ASN A 87 -14.28 0.00 10.43
N ASN A 88 -13.24 0.10 9.60
CA ASN A 88 -11.96 0.65 10.02
C ASN A 88 -12.14 2.10 10.42
N PRO A 89 -12.04 2.41 11.72
CA PRO A 89 -12.29 3.78 12.22
C PRO A 89 -11.34 4.85 11.62
N ASP A 90 -10.19 4.45 11.10
CA ASP A 90 -9.28 5.39 10.43
C ASP A 90 -9.91 6.08 9.22
N GLN A 91 -11.00 5.53 8.72
CA GLN A 91 -11.60 6.05 7.49
C GLN A 91 -12.42 7.30 7.74
N HIS A 92 -12.97 7.44 8.94
CA HIS A 92 -13.78 8.60 9.27
C HIS A 92 -14.80 8.88 8.18
N ARG A 93 -15.61 7.87 7.85
CA ARG A 93 -16.64 8.06 6.84
C ARG A 93 -17.56 9.22 7.25
N PHE A 94 -17.94 10.03 6.27
CA PHE A 94 -18.70 11.23 6.56
C PHE A 94 -20.13 11.12 6.05
N THR A 95 -21.09 11.56 6.86
CA THR A 95 -22.49 11.51 6.49
C THR A 95 -22.89 12.81 5.80
N TYR A 96 -23.08 12.76 4.49
CA TYR A 96 -23.54 13.92 3.74
C TYR A 96 -25.06 13.97 3.77
N LYS A 97 -25.63 15.09 4.23
CA LYS A 97 -27.08 15.21 4.40
C LYS A 97 -27.78 15.88 3.22
N ILE A 98 -28.90 15.31 2.82
CA ILE A 98 -29.76 15.91 1.82
C ILE A 98 -30.49 17.12 2.42
N VAL A 99 -30.36 18.29 1.77
CA VAL A 99 -31.00 19.50 2.26
C VAL A 99 -32.12 19.92 1.33
N LYS A 100 -32.16 19.32 0.15
CA LYS A 100 -33.19 19.61 -0.83
C LYS A 100 -33.22 18.46 -1.83
N ARG A 101 -34.40 17.84 -2.00
CA ARG A 101 -34.55 16.64 -2.82
C ARG A 101 -34.60 16.94 -4.31
N ASN A 102 -35.15 18.10 -4.65
CA ASN A 102 -35.37 18.47 -6.04
C ASN A 102 -36.08 17.36 -6.82
N ASN A 103 -37.26 16.98 -6.33
CA ASN A 103 -38.12 16.05 -7.04
C ASN A 103 -38.63 16.69 -8.32
N TYR A 104 -38.38 16.02 -9.44
CA TYR A 104 -38.80 16.47 -10.76
C TYR A 104 -40.30 16.76 -10.83
N LYS A 105 -40.68 17.87 -11.47
CA LYS A 105 -42.08 18.16 -11.75
C LYS A 105 -42.28 18.13 -13.25
N LYS A 106 -43.14 17.21 -13.70
CA LYS A 106 -43.48 17.12 -15.12
C LYS A 106 -44.43 18.24 -15.53
N ASP A 107 -44.05 18.98 -16.56
CA ASP A 107 -44.87 20.06 -17.09
C ASP A 107 -44.46 20.42 -18.51
N ASN A 108 -45.10 21.44 -19.08
CA ASN A 108 -44.85 21.84 -20.45
C ASN A 108 -43.37 21.97 -20.82
N LEU A 109 -42.56 22.47 -19.89
CA LEU A 109 -41.14 22.63 -20.17
C LEU A 109 -40.31 21.51 -19.54
N HIS A 110 -40.97 20.61 -18.83
CA HIS A 110 -40.30 19.47 -18.24
C HIS A 110 -41.05 18.20 -18.61
N PRO A 111 -40.75 17.68 -19.81
CA PRO A 111 -41.50 16.63 -20.51
C PRO A 111 -41.46 15.26 -19.84
N TYR A 112 -40.36 14.95 -19.16
CA TYR A 112 -40.05 13.59 -18.72
C TYR A 112 -40.81 13.15 -17.48
N GLU A 113 -40.75 11.86 -17.19
CA GLU A 113 -41.46 11.26 -16.07
C GLU A 113 -40.88 11.71 -14.75
N ASP A 114 -41.75 11.87 -13.74
CA ASP A 114 -41.37 12.53 -12.51
C ASP A 114 -40.82 11.62 -11.40
N ASP A 115 -40.51 10.37 -11.74
CA ASP A 115 -39.78 9.51 -10.79
C ASP A 115 -38.29 9.78 -10.98
N TYR A 116 -37.85 10.93 -10.47
CA TYR A 116 -36.50 11.41 -10.71
C TYR A 116 -36.24 12.59 -9.80
N HIS A 117 -35.12 12.58 -9.09
CA HIS A 117 -34.73 13.74 -8.30
C HIS A 117 -33.21 13.99 -8.23
N ASN A 118 -32.84 15.24 -7.96
CA ASN A 118 -31.43 15.65 -7.90
C ASN A 118 -31.09 16.31 -6.56
N PRO A 119 -30.98 15.48 -5.51
CA PRO A 119 -30.75 15.99 -4.15
C PRO A 119 -29.49 16.84 -4.01
N ARG A 120 -29.59 17.89 -3.21
CA ARG A 120 -28.47 18.74 -2.85
C ARG A 120 -27.99 18.31 -1.46
N LEU A 121 -26.68 18.20 -1.28
CA LEU A 121 -26.09 17.78 -0.02
C LEU A 121 -25.62 18.99 0.78
N HIS A 122 -25.43 18.83 2.09
CA HIS A 122 -25.11 19.98 2.93
C HIS A 122 -23.63 20.34 2.88
N LYS A 123 -22.79 19.44 2.37
CA LYS A 123 -21.35 19.70 2.24
C LYS A 123 -20.82 19.29 0.87
N PHE A 124 -19.75 19.97 0.41
CA PHE A 124 -19.02 19.51 -0.77
C PHE A 124 -18.43 18.13 -0.46
N VAL A 125 -18.58 17.19 -1.40
CA VAL A 125 -18.03 15.86 -1.19
C VAL A 125 -16.54 15.83 -1.57
N THR A 126 -15.71 15.34 -0.66
CA THR A 126 -14.26 15.38 -0.84
C THR A 126 -13.66 14.03 -1.26
N GLU A 127 -14.37 12.94 -0.98
CA GLU A 127 -13.80 11.59 -1.14
C GLU A 127 -13.68 11.13 -2.59
N ALA A 128 -14.43 11.75 -3.48
CA ALA A 128 -14.47 11.33 -4.88
C ALA A 128 -14.84 12.48 -5.81
N ALA A 129 -14.32 12.44 -7.03
CA ALA A 129 -14.66 13.43 -8.04
C ALA A 129 -16.00 13.05 -8.64
N PRO A 130 -16.89 14.03 -8.80
CA PRO A 130 -18.20 13.74 -9.39
C PRO A 130 -18.04 13.17 -10.79
N ILE A 131 -19.10 12.54 -11.31
CA ILE A 131 -19.07 12.00 -12.66
C ILE A 131 -19.95 12.85 -13.57
N ASP A 132 -19.54 12.99 -14.82
CA ASP A 132 -20.32 13.75 -15.79
C ASP A 132 -21.53 12.96 -16.23
N MET A 133 -22.57 13.68 -16.65
CA MET A 133 -23.78 13.10 -17.23
C MET A 133 -23.75 13.04 -18.77
N THR A 134 -24.42 12.03 -19.34
CA THR A 134 -24.68 12.03 -20.77
C THR A 134 -25.70 13.14 -21.03
N SER A 135 -25.70 13.69 -22.24
CA SER A 135 -26.50 14.89 -22.48
C SER A 135 -27.72 14.67 -23.37
N ASN A 136 -27.75 13.57 -24.11
CA ASN A 136 -28.85 13.29 -25.04
C ASN A 136 -29.96 12.54 -24.33
N MET A 137 -31.20 12.93 -24.61
CA MET A 137 -32.34 12.28 -23.97
C MET A 137 -32.94 11.16 -24.84
N ASN A 138 -32.43 11.01 -26.06
CA ASN A 138 -32.86 9.91 -26.91
C ASN A 138 -32.08 8.63 -26.61
N GLY A 139 -32.75 7.65 -26.00
CA GLY A 139 -32.14 6.39 -25.66
C GLY A 139 -31.39 5.70 -26.79
N SER A 140 -31.90 5.83 -28.02
CA SER A 140 -31.28 5.20 -29.18
C SER A 140 -29.84 5.66 -29.41
N THR A 141 -29.51 6.86 -28.93
CA THR A 141 -28.17 7.44 -29.09
C THR A 141 -27.07 6.49 -28.64
N TYR A 142 -27.35 5.75 -27.58
CA TYR A 142 -26.32 5.02 -26.84
C TYR A 142 -26.16 3.57 -27.29
N SER A 143 -26.95 3.17 -28.28
CA SER A 143 -26.90 1.81 -28.82
C SER A 143 -25.65 1.54 -29.64
N ASP A 144 -25.08 2.59 -30.22
CA ASP A 144 -23.84 2.45 -30.99
C ASP A 144 -22.73 1.98 -30.07
N ARG A 145 -22.28 0.74 -30.27
CA ARG A 145 -21.29 0.15 -29.38
C ARG A 145 -19.85 0.41 -29.81
N THR A 146 -19.66 1.12 -30.91
CA THR A 146 -18.33 1.59 -31.28
C THR A 146 -18.04 2.84 -30.47
N LYS A 147 -19.01 3.75 -30.44
CA LYS A 147 -18.91 4.96 -29.64
C LYS A 147 -19.05 4.65 -28.16
N TYR A 148 -19.92 3.70 -27.83
CA TYR A 148 -20.19 3.32 -26.44
C TYR A 148 -19.98 1.82 -26.24
N PRO A 149 -18.72 1.40 -26.11
CA PRO A 149 -18.35 -0.03 -26.08
C PRO A 149 -18.64 -0.71 -24.75
N GLU A 150 -18.51 0.02 -23.64
CA GLU A 150 -18.72 -0.55 -22.32
C GLU A 150 -19.89 0.09 -21.60
N ARG A 151 -20.58 -0.71 -20.79
CA ARG A 151 -21.73 -0.23 -20.02
C ARG A 151 -21.81 -1.06 -18.73
N VAL A 152 -22.00 -0.39 -17.59
CA VAL A 152 -22.06 -1.10 -16.31
C VAL A 152 -23.16 -0.54 -15.38
N ARG A 153 -23.53 -1.32 -14.37
CA ARG A 153 -24.46 -0.87 -13.34
C ARG A 153 -24.08 -1.42 -11.98
N ILE A 154 -24.70 -0.91 -10.93
CA ILE A 154 -24.30 -1.28 -9.58
C ILE A 154 -25.43 -0.95 -8.65
N GLY A 155 -25.66 -1.77 -7.63
CA GLY A 155 -26.74 -1.52 -6.70
C GLY A 155 -26.74 -2.44 -5.49
N SER A 156 -27.65 -2.18 -4.55
CA SER A 156 -27.73 -3.01 -3.35
C SER A 156 -29.11 -3.62 -3.16
N GLY A 157 -29.90 -3.66 -4.23
CA GLY A 157 -31.23 -4.26 -4.15
C GLY A 157 -31.18 -5.75 -3.79
N ARG A 158 -32.33 -6.32 -3.47
CA ARG A 158 -32.40 -7.75 -3.16
C ARG A 158 -31.47 -8.57 -4.04
N GLN A 159 -30.68 -9.43 -3.40
CA GLN A 159 -29.63 -10.15 -4.11
C GLN A 159 -30.03 -11.60 -4.42
N PHE A 160 -29.91 -11.98 -5.68
CA PHE A 160 -30.18 -13.33 -6.12
C PHE A 160 -28.99 -13.87 -6.88
N TRP A 161 -28.84 -15.19 -6.89
CA TRP A 161 -28.09 -15.82 -7.99
C TRP A 161 -28.96 -16.85 -8.71
N ARG A 162 -28.72 -17.01 -10.01
CA ARG A 162 -29.54 -17.88 -10.84
C ARG A 162 -28.71 -19.01 -11.40
N ASN A 163 -29.26 -20.22 -11.40
CA ASN A 163 -28.53 -21.38 -11.89
C ASN A 163 -28.82 -21.66 -13.37
N ASP A 164 -28.35 -22.79 -13.85
CA ASP A 164 -28.47 -23.11 -15.27
C ASP A 164 -29.91 -23.41 -15.69
N GLN A 165 -30.79 -23.59 -14.71
CA GLN A 165 -32.22 -23.78 -14.99
C GLN A 165 -32.94 -22.46 -14.78
N ASP A 166 -32.17 -21.41 -14.57
CA ASP A 166 -32.69 -20.05 -14.34
C ASP A 166 -33.53 -19.97 -13.08
N LYS A 167 -33.20 -20.76 -12.07
CA LYS A 167 -33.89 -20.70 -10.81
C LYS A 167 -33.12 -19.82 -9.83
N GLY A 168 -33.84 -18.93 -9.15
CA GLY A 168 -33.21 -17.95 -8.29
C GLY A 168 -33.18 -18.34 -6.82
N ASP A 169 -32.04 -18.12 -6.20
CA ASP A 169 -31.94 -18.14 -4.75
C ASP A 169 -31.74 -16.71 -4.29
N GLN A 170 -32.58 -16.25 -3.37
CA GLN A 170 -32.37 -14.93 -2.78
C GLN A 170 -31.40 -15.03 -1.62
N VAL A 171 -30.19 -14.52 -1.80
CA VAL A 171 -29.13 -14.73 -0.83
C VAL A 171 -29.04 -13.59 0.20
N ALA A 172 -29.59 -12.42 -0.14
CA ALA A 172 -29.60 -11.31 0.81
C ALA A 172 -30.78 -10.35 0.57
N GLY A 173 -31.25 -9.72 1.64
CA GLY A 173 -32.27 -8.69 1.53
C GLY A 173 -31.67 -7.43 0.91
N ALA A 174 -32.52 -6.45 0.63
CA ALA A 174 -32.06 -5.22 0.00
C ALA A 174 -31.22 -4.41 0.98
N TYR A 175 -30.35 -3.57 0.43
CA TYR A 175 -29.57 -2.61 1.21
C TYR A 175 -28.60 -3.26 2.19
N HIS A 176 -28.10 -4.44 1.89
CA HIS A 176 -27.11 -5.10 2.73
C HIS A 176 -25.72 -4.86 2.19
N TYR A 177 -25.56 -4.98 0.88
CA TYR A 177 -24.28 -4.76 0.22
C TYR A 177 -24.44 -4.50 -1.28
N LEU A 178 -23.33 -4.13 -1.92
CA LEU A 178 -23.34 -3.79 -3.34
C LEU A 178 -22.97 -4.99 -4.20
N THR A 179 -23.63 -5.12 -5.34
CA THR A 179 -23.18 -6.03 -6.39
C THR A 179 -23.19 -5.26 -7.69
N ALA A 180 -22.39 -5.70 -8.66
CA ALA A 180 -22.24 -4.94 -9.90
C ALA A 180 -21.68 -5.82 -11.01
N GLY A 181 -21.66 -5.29 -12.23
CA GLY A 181 -21.09 -5.98 -13.38
C GLY A 181 -21.40 -5.13 -14.59
N ASN A 182 -21.13 -5.62 -15.78
CA ASN A 182 -21.64 -4.90 -16.96
C ASN A 182 -23.17 -5.05 -17.03
N THR A 183 -23.82 -4.17 -17.79
CA THR A 183 -25.27 -4.28 -17.93
C THR A 183 -25.65 -5.40 -18.91
N HIS A 184 -26.92 -5.75 -18.94
CA HIS A 184 -27.41 -6.67 -19.95
C HIS A 184 -27.38 -5.98 -21.30
N ASN A 185 -27.79 -6.71 -22.34
CA ASN A 185 -27.80 -6.20 -23.70
C ASN A 185 -28.84 -5.11 -23.92
N GLN A 186 -28.59 -4.30 -24.94
CA GLN A 186 -29.51 -3.25 -25.36
C GLN A 186 -30.83 -3.85 -25.85
N ARG A 187 -31.94 -3.35 -25.32
CA ARG A 187 -33.22 -3.99 -25.53
C ARG A 187 -34.35 -2.99 -25.73
N GLY A 188 -34.11 -1.94 -26.52
CA GLY A 188 -35.17 -0.98 -26.79
C GLY A 188 -35.08 0.29 -25.98
N ALA A 189 -35.18 1.42 -26.67
CA ALA A 189 -34.98 2.71 -26.06
C ALA A 189 -35.71 3.81 -26.80
N GLY A 190 -36.03 4.89 -26.10
CA GLY A 190 -36.75 5.99 -26.69
C GLY A 190 -36.43 7.31 -25.99
N ASN A 191 -37.39 8.23 -26.01
CA ASN A 191 -37.17 9.54 -25.41
C ASN A 191 -37.20 9.48 -23.90
N GLY A 192 -36.03 9.60 -23.29
CA GLY A 192 -35.91 9.67 -21.84
C GLY A 192 -35.69 8.35 -21.14
N TYR A 193 -35.49 7.27 -21.90
CA TYR A 193 -35.41 5.94 -21.31
C TYR A 193 -34.61 4.93 -22.13
N SER A 194 -34.25 3.84 -21.47
CA SER A 194 -33.60 2.72 -22.12
C SER A 194 -33.92 1.45 -21.33
N TYR A 195 -34.13 0.35 -22.04
CA TYR A 195 -34.32 -0.95 -21.41
C TYR A 195 -33.12 -1.83 -21.70
N LEU A 196 -32.61 -2.51 -20.68
CA LEU A 196 -31.53 -3.46 -20.84
C LEU A 196 -31.96 -4.78 -20.22
N GLY A 197 -31.68 -5.88 -20.91
CA GLY A 197 -32.16 -7.17 -20.46
C GLY A 197 -31.59 -8.31 -21.26
N GLY A 198 -31.71 -9.50 -20.72
CA GLY A 198 -31.18 -10.69 -21.36
C GLY A 198 -31.00 -11.82 -20.39
N ASP A 199 -30.11 -12.74 -20.73
CA ASP A 199 -29.96 -13.98 -19.99
C ASP A 199 -28.71 -13.91 -19.13
N VAL A 200 -28.88 -13.93 -17.81
CA VAL A 200 -27.75 -13.77 -16.90
C VAL A 200 -26.77 -14.93 -17.01
N ARG A 201 -27.27 -16.07 -17.47
CA ARG A 201 -26.46 -17.27 -17.62
C ARG A 201 -25.45 -17.09 -18.74
N LYS A 202 -25.67 -16.07 -19.57
CA LYS A 202 -24.86 -15.91 -20.76
C LYS A 202 -24.03 -14.63 -20.80
N ALA A 203 -22.83 -14.73 -21.37
CA ALA A 203 -22.03 -13.55 -21.62
C ALA A 203 -22.77 -12.62 -22.59
N GLY A 204 -22.70 -11.33 -22.33
CA GLY A 204 -23.42 -10.36 -23.13
C GLY A 204 -22.52 -9.46 -23.97
N GLU A 205 -23.15 -8.54 -24.71
CA GLU A 205 -22.42 -7.65 -25.61
C GLU A 205 -21.60 -6.63 -24.84
N TYR A 206 -21.92 -6.47 -23.55
CA TYR A 206 -21.12 -5.58 -22.70
C TYR A 206 -20.16 -6.33 -21.77
N GLY A 207 -20.10 -7.65 -21.89
CA GLY A 207 -19.11 -8.42 -21.14
C GLY A 207 -19.64 -9.67 -20.46
N PRO A 208 -18.76 -10.38 -19.75
CA PRO A 208 -19.09 -11.69 -19.18
C PRO A 208 -19.89 -11.61 -17.88
N LEU A 209 -20.09 -10.41 -17.34
CA LEU A 209 -20.74 -10.29 -16.03
C LEU A 209 -22.00 -9.43 -16.08
N PRO A 210 -22.99 -9.85 -16.89
CA PRO A 210 -24.22 -9.05 -16.93
C PRO A 210 -24.96 -9.18 -15.62
N ILE A 211 -25.51 -8.07 -15.14
CA ILE A 211 -26.25 -8.08 -13.88
C ILE A 211 -27.52 -7.25 -13.97
N ALA A 212 -28.63 -7.83 -13.52
CA ALA A 212 -29.92 -7.16 -13.60
C ALA A 212 -30.32 -6.67 -12.21
N GLY A 213 -31.12 -5.62 -12.17
CA GLY A 213 -31.56 -5.06 -10.91
C GLY A 213 -32.79 -5.77 -10.40
N SER A 214 -33.14 -5.50 -9.14
CA SER A 214 -34.31 -6.09 -8.51
C SER A 214 -34.90 -5.11 -7.51
N LYS A 215 -35.83 -5.56 -6.67
CA LYS A 215 -36.39 -4.69 -5.65
C LYS A 215 -35.28 -4.13 -4.77
N GLY A 216 -35.21 -2.81 -4.69
CA GLY A 216 -34.20 -2.15 -3.88
C GLY A 216 -33.11 -1.51 -4.73
N ASP A 217 -33.10 -1.85 -6.01
CA ASP A 217 -32.11 -1.33 -6.94
C ASP A 217 -32.61 -0.07 -7.61
N SER A 218 -33.88 0.29 -7.36
CA SER A 218 -34.44 1.51 -7.96
C SER A 218 -33.62 2.71 -7.54
N GLY A 219 -33.27 3.55 -8.52
CA GLY A 219 -32.46 4.72 -8.24
C GLY A 219 -30.98 4.47 -8.49
N SER A 220 -30.56 3.22 -8.34
CA SER A 220 -29.16 2.85 -8.58
C SER A 220 -28.73 3.28 -9.98
N PRO A 221 -27.44 3.60 -10.16
CA PRO A 221 -26.95 4.22 -11.38
C PRO A 221 -26.53 3.22 -12.45
N MET A 222 -26.59 3.66 -13.70
CA MET A 222 -26.11 2.88 -14.81
C MET A 222 -25.18 3.79 -15.59
N PHE A 223 -24.01 3.28 -15.94
CA PHE A 223 -22.96 4.11 -16.54
C PHE A 223 -22.62 3.63 -17.93
N ILE A 224 -22.23 4.56 -18.80
CA ILE A 224 -21.85 4.20 -20.15
C ILE A 224 -20.50 4.80 -20.50
N TYR A 225 -19.67 4.04 -21.22
CA TYR A 225 -18.36 4.55 -21.61
C TYR A 225 -18.41 5.24 -22.97
N ASP A 226 -18.08 6.53 -22.99
CA ASP A 226 -17.91 7.28 -24.23
C ASP A 226 -16.47 7.12 -24.70
N ALA A 227 -16.27 6.39 -25.79
CA ALA A 227 -14.92 6.05 -26.27
C ALA A 227 -14.25 7.22 -26.98
N GLU A 228 -15.05 8.12 -27.54
CA GLU A 228 -14.51 9.30 -28.19
C GLU A 228 -13.92 10.24 -27.14
N LYS A 229 -14.70 10.51 -26.08
CA LYS A 229 -14.24 11.36 -24.98
C LYS A 229 -13.28 10.63 -24.04
N GLN A 230 -13.34 9.30 -24.04
CA GLN A 230 -12.58 8.48 -23.09
C GLN A 230 -13.02 8.72 -21.65
N LYS A 231 -14.33 8.77 -21.45
CA LYS A 231 -14.90 9.09 -20.15
C LYS A 231 -15.94 8.05 -19.81
N TRP A 232 -16.00 7.67 -18.54
CA TRP A 232 -17.22 7.07 -18.04
C TRP A 232 -18.20 8.20 -17.74
N LEU A 233 -19.45 8.01 -18.14
CA LEU A 233 -20.51 8.98 -17.87
C LEU A 233 -21.63 8.23 -17.21
N ILE A 234 -22.37 8.89 -16.31
CA ILE A 234 -23.59 8.27 -15.84
C ILE A 234 -24.62 8.44 -16.95
N ASN A 235 -25.31 7.35 -17.29
CA ASN A 235 -26.24 7.38 -18.41
C ASN A 235 -27.69 7.37 -17.95
N GLY A 236 -27.97 6.67 -16.85
CA GLY A 236 -29.33 6.59 -16.39
C GLY A 236 -29.45 6.05 -14.99
N ILE A 237 -30.68 6.06 -14.47
CA ILE A 237 -30.94 5.50 -13.15
C ILE A 237 -32.01 4.42 -13.23
N LEU A 238 -31.81 3.33 -12.49
CA LEU A 238 -32.70 2.19 -12.60
C LEU A 238 -34.08 2.53 -12.06
N ARG A 239 -35.10 2.27 -12.88
CA ARG A 239 -36.48 2.43 -12.46
C ARG A 239 -37.28 1.16 -12.73
N GLU A 248 -34.52 -8.34 -16.89
CA GLU A 248 -34.66 -7.09 -17.65
C GLU A 248 -34.97 -5.84 -16.80
N ASN A 249 -34.48 -4.68 -17.23
CA ASN A 249 -34.67 -3.46 -16.46
C ASN A 249 -34.88 -2.21 -17.33
N GLY A 250 -35.74 -1.31 -16.84
CA GLY A 250 -35.90 -0.02 -17.49
C GLY A 250 -35.10 1.05 -16.76
N PHE A 251 -34.53 1.99 -17.52
CA PHE A 251 -33.73 3.06 -16.96
C PHE A 251 -34.25 4.41 -17.40
N GLN A 252 -34.35 5.34 -16.45
CA GLN A 252 -34.59 6.73 -16.80
C GLN A 252 -33.26 7.41 -17.09
N LEU A 253 -33.10 7.91 -18.31
CA LEU A 253 -31.87 8.60 -18.70
C LEU A 253 -31.63 9.83 -17.81
N VAL A 254 -30.37 10.21 -17.64
CA VAL A 254 -30.06 11.36 -16.78
C VAL A 254 -30.42 12.65 -17.48
N ARG A 255 -30.79 13.66 -16.69
CA ARG A 255 -31.31 14.91 -17.25
C ARG A 255 -30.39 16.11 -16.98
N LYS A 256 -29.48 16.35 -17.92
CA LYS A 256 -28.45 17.37 -17.78
C LYS A 256 -29.03 18.79 -17.74
N SER A 257 -30.09 19.04 -18.51
CA SER A 257 -30.69 20.37 -18.56
C SER A 257 -31.46 20.67 -17.29
N TYR A 258 -32.09 19.66 -16.73
CA TYR A 258 -32.82 19.83 -15.49
C TYR A 258 -31.83 20.10 -14.38
N PHE A 259 -30.73 19.36 -14.37
CA PHE A 259 -29.74 19.57 -13.33
C PHE A 259 -29.18 20.99 -13.39
N ASP A 260 -28.94 21.49 -14.60
CA ASP A 260 -28.44 22.84 -14.79
C ASP A 260 -29.39 23.87 -14.19
N GLU A 261 -30.68 23.64 -14.32
CA GLU A 261 -31.66 24.55 -13.72
C GLU A 261 -31.57 24.55 -12.19
N ILE A 262 -31.34 23.37 -11.60
CA ILE A 262 -31.22 23.27 -10.15
C ILE A 262 -29.95 23.99 -9.71
N PHE A 263 -28.88 23.75 -10.44
CA PHE A 263 -27.58 24.27 -10.05
C PHE A 263 -27.56 25.79 -10.07
N GLU A 264 -28.05 26.38 -11.15
CA GLU A 264 -28.05 27.83 -11.33
C GLU A 264 -28.97 28.53 -10.33
N ARG A 265 -29.95 27.78 -9.84
CA ARG A 265 -30.84 28.28 -8.80
C ARG A 265 -30.09 28.47 -7.47
N ASP A 266 -29.07 27.65 -7.23
CA ASP A 266 -28.32 27.69 -5.98
C ASP A 266 -27.02 28.49 -6.10
N LEU A 267 -26.56 28.71 -7.32
CA LEU A 267 -25.32 29.45 -7.55
C LEU A 267 -25.53 30.46 -8.66
N HIS A 268 -25.90 31.68 -8.28
CA HIS A 268 -26.28 32.72 -9.24
C HIS A 268 -25.60 34.06 -8.95
N THR A 269 -24.85 34.14 -7.85
CA THR A 269 -24.18 35.38 -7.49
C THR A 269 -22.69 35.30 -7.79
N SER A 270 -22.24 36.03 -8.80
CA SER A 270 -20.82 36.13 -9.14
C SER A 270 -20.27 37.49 -8.76
N LEU A 271 -19.25 37.49 -7.92
CA LEU A 271 -18.61 38.73 -7.53
C LEU A 271 -17.35 38.92 -8.35
N TYR A 272 -17.26 40.07 -8.99
CA TYR A 272 -16.16 40.34 -9.91
C TYR A 272 -15.93 41.84 -10.04
N THR A 273 -14.65 42.22 -10.08
CA THR A 273 -14.26 43.60 -10.22
C THR A 273 -13.30 43.70 -11.40
N ARG A 274 -13.77 44.33 -12.47
CA ARG A 274 -13.08 44.31 -13.76
C ARG A 274 -11.61 44.72 -13.69
N ALA A 275 -11.29 45.68 -12.85
CA ALA A 275 -9.94 46.23 -12.82
C ALA A 275 -8.97 45.43 -11.92
N GLY A 276 -9.49 44.42 -11.22
CA GLY A 276 -8.68 43.62 -10.32
C GLY A 276 -8.57 44.24 -8.93
N ASN A 277 -7.98 43.50 -7.99
CA ASN A 277 -7.89 43.96 -6.60
C ASN A 277 -9.26 44.37 -6.03
N GLY A 278 -10.29 43.60 -6.34
CA GLY A 278 -11.60 43.82 -5.77
C GLY A 278 -11.61 43.70 -4.25
N VAL A 279 -12.55 44.38 -3.62
CA VAL A 279 -12.66 44.33 -2.17
C VAL A 279 -14.13 44.17 -1.78
N TYR A 280 -14.43 43.02 -1.18
CA TYR A 280 -15.80 42.67 -0.85
C TYR A 280 -15.95 42.54 0.66
N THR A 281 -17.08 42.99 1.19
CA THR A 281 -17.35 42.87 2.61
C THR A 281 -18.67 42.15 2.82
N ILE A 282 -18.64 41.11 3.65
CA ILE A 282 -19.80 40.24 3.82
C ILE A 282 -20.32 40.26 5.24
N SER A 283 -21.64 40.26 5.38
CA SER A 283 -22.26 40.15 6.69
C SER A 283 -23.61 39.46 6.52
N GLY A 284 -24.15 38.96 7.62
CA GLY A 284 -25.49 38.38 7.58
C GLY A 284 -26.09 38.24 8.95
N ASN A 285 -27.30 37.70 9.01
CA ASN A 285 -27.90 37.38 10.31
C ASN A 285 -28.71 36.10 10.31
N ASP A 286 -29.14 35.69 11.50
CA ASP A 286 -29.74 34.40 11.73
C ASP A 286 -31.02 34.12 10.92
N ASN A 287 -31.65 35.15 10.40
CA ASN A 287 -32.87 34.94 9.64
C ASN A 287 -32.55 34.67 8.16
N GLY A 288 -31.33 34.23 7.90
CA GLY A 288 -30.91 33.88 6.56
C GLY A 288 -30.75 35.04 5.62
N GLN A 289 -30.67 36.26 6.16
CA GLN A 289 -30.43 37.41 5.30
C GLN A 289 -28.99 37.91 5.38
N GLY A 290 -28.40 38.18 4.22
CA GLY A 290 -27.01 38.56 4.15
C GLY A 290 -26.76 39.62 3.11
N SER A 291 -25.56 40.19 3.15
CA SER A 291 -25.20 41.25 2.23
C SER A 291 -23.72 41.24 1.89
N ILE A 292 -23.40 41.55 0.65
CA ILE A 292 -22.01 41.69 0.21
C ILE A 292 -21.82 43.10 -0.33
N THR A 293 -20.93 43.85 0.30
CA THR A 293 -20.63 45.19 -0.16
C THR A 293 -19.37 45.19 -1.03
N GLN A 294 -19.47 45.68 -2.25
CA GLN A 294 -18.36 45.84 -3.17
C GLN A 294 -17.82 47.25 -3.16
N LYS A 295 -16.57 47.35 -2.75
CA LYS A 295 -15.85 48.59 -2.67
C LYS A 295 -16.23 49.53 -3.75
N SER A 296 -15.90 49.19 -4.96
CA SER A 296 -16.49 50.02 -5.92
C SER A 296 -16.82 49.32 -7.21
N GLY A 297 -18.12 49.36 -7.46
CA GLY A 297 -18.81 48.74 -8.57
C GLY A 297 -20.23 49.05 -8.19
N ILE A 298 -21.13 48.91 -9.12
CA ILE A 298 -22.47 49.38 -8.94
C ILE A 298 -23.39 48.31 -9.43
N PRO A 299 -24.19 47.79 -8.53
CA PRO A 299 -24.37 48.39 -7.22
C PRO A 299 -23.35 48.00 -6.20
N SER A 300 -23.20 48.87 -5.23
CA SER A 300 -22.23 48.68 -4.21
C SER A 300 -22.69 47.52 -3.36
N GLU A 301 -23.99 47.41 -3.16
CA GLU A 301 -24.45 46.33 -2.29
C GLU A 301 -25.24 45.22 -3.00
N ILE A 302 -24.93 43.97 -2.64
CA ILE A 302 -25.60 42.79 -3.20
C ILE A 302 -26.23 41.96 -2.09
N LYS A 303 -27.54 41.70 -2.18
CA LYS A 303 -28.21 40.88 -1.17
C LYS A 303 -27.91 39.41 -1.40
N ILE A 304 -27.64 38.66 -0.34
CA ILE A 304 -27.45 37.21 -0.47
C ILE A 304 -28.28 36.45 0.56
N THR A 305 -28.51 35.16 0.31
CA THR A 305 -29.27 34.33 1.25
C THR A 305 -28.37 33.33 1.95
N LEU A 306 -28.62 33.12 3.25
CA LEU A 306 -27.79 32.25 4.07
C LEU A 306 -28.63 31.24 4.82
N ALA A 307 -28.01 30.49 5.72
CA ALA A 307 -28.74 29.58 6.58
C ALA A 307 -29.78 30.39 7.32
N ASN A 308 -31.04 29.97 7.22
CA ASN A 308 -32.13 30.65 7.92
C ASN A 308 -32.57 29.89 9.18
N MET A 309 -32.20 30.42 10.35
CA MET A 309 -32.44 29.74 11.62
C MET A 309 -33.89 29.77 12.05
N SER A 310 -34.70 30.61 11.42
CA SER A 310 -36.11 30.67 11.76
C SER A 310 -36.89 29.56 11.06
N LEU A 311 -36.22 28.86 10.13
CA LEU A 311 -36.82 27.72 9.43
C LEU A 311 -36.44 26.40 10.09
N PRO A 312 -37.29 25.38 9.91
CA PRO A 312 -37.06 24.07 10.52
C PRO A 312 -35.83 23.39 9.93
N LEU A 313 -35.10 22.67 10.77
CA LEU A 313 -33.96 21.90 10.30
C LEU A 313 -34.42 20.77 9.37
N LYS A 314 -35.63 20.25 9.63
CA LYS A 314 -36.24 19.21 8.80
C LYS A 314 -37.65 19.60 8.38
N GLU A 315 -38.00 19.28 7.15
CA GLU A 315 -39.36 19.52 6.68
C GLU A 315 -39.66 18.61 5.49
N LYS A 316 -40.94 18.47 5.16
CA LYS A 316 -41.35 17.66 4.04
C LYS A 316 -41.24 18.45 2.74
N ASP A 317 -40.47 17.93 1.80
CA ASP A 317 -40.22 18.60 0.54
C ASP A 317 -41.41 18.46 -0.40
N LYS A 318 -41.36 19.16 -1.52
CA LYS A 318 -42.41 19.13 -2.52
C LYS A 318 -42.60 17.71 -3.04
N VAL A 319 -43.86 17.27 -3.09
CA VAL A 319 -44.20 16.00 -3.72
C VAL A 319 -45.07 16.25 -4.94
N HIS A 320 -44.59 15.86 -6.12
CA HIS A 320 -45.28 16.15 -7.37
C HIS A 320 -46.12 14.98 -7.91
N ASN A 321 -45.87 13.80 -7.37
CA ASN A 321 -46.61 12.63 -7.78
C ASN A 321 -47.06 11.86 -6.54
N PRO A 322 -48.38 11.69 -6.39
CA PRO A 322 -48.98 11.08 -5.19
C PRO A 322 -48.45 9.68 -4.92
N ARG A 323 -47.94 9.01 -5.96
CA ARG A 323 -47.37 7.69 -5.81
C ARG A 323 -46.09 7.79 -4.99
N TYR A 324 -45.34 8.86 -5.21
CA TYR A 324 -44.06 9.06 -4.56
C TYR A 324 -44.17 9.88 -3.28
N ASP A 325 -45.30 9.74 -2.59
CA ASP A 325 -45.48 10.42 -1.32
C ASP A 325 -44.70 9.63 -0.27
N GLY A 326 -44.50 10.23 0.89
CA GLY A 326 -43.69 9.63 1.94
C GLY A 326 -42.97 10.73 2.69
N PRO A 327 -42.03 10.40 3.57
CA PRO A 327 -41.30 11.39 4.35
C PRO A 327 -40.63 12.53 3.56
N ASN A 328 -39.91 12.24 2.49
CA ASN A 328 -39.40 13.30 1.63
C ASN A 328 -38.70 14.45 2.35
N ILE A 329 -37.90 14.09 3.32
CA ILE A 329 -37.31 15.05 4.20
C ILE A 329 -36.28 15.94 3.51
N TYR A 330 -36.37 17.23 3.74
CA TYR A 330 -35.31 18.16 3.36
C TYR A 330 -35.00 19.17 4.46
N SER A 331 -34.08 20.10 4.21
CA SER A 331 -33.66 21.05 5.22
C SER A 331 -33.85 22.49 4.74
N PRO A 332 -35.03 23.06 5.00
CA PRO A 332 -35.31 24.43 4.53
C PRO A 332 -34.30 25.41 5.11
N ARG A 333 -33.84 25.13 6.32
CA ARG A 333 -32.88 25.99 7.03
C ARG A 333 -31.51 26.03 6.35
N LEU A 334 -31.00 24.87 5.95
CA LEU A 334 -29.69 24.80 5.33
C LEU A 334 -29.76 25.12 3.85
N ASN A 335 -30.82 24.65 3.18
CA ASN A 335 -30.95 24.86 1.74
C ASN A 335 -31.14 26.32 1.38
N ASN A 336 -31.46 27.14 2.39
CA ASN A 336 -31.69 28.56 2.14
C ASN A 336 -30.43 29.28 1.65
N GLY A 337 -29.28 28.79 2.10
CA GLY A 337 -27.99 29.37 1.71
C GLY A 337 -27.67 29.19 0.24
N GLU A 338 -27.22 30.26 -0.40
CA GLU A 338 -26.77 30.18 -1.78
C GLU A 338 -25.24 30.06 -1.86
N THR A 339 -24.75 29.50 -2.95
CA THR A 339 -23.32 29.38 -3.17
C THR A 339 -22.79 30.64 -3.84
N LEU A 340 -21.60 31.08 -3.46
CA LEU A 340 -21.06 32.33 -3.97
C LEU A 340 -19.84 32.07 -4.82
N TYR A 341 -19.64 32.88 -5.85
CA TYR A 341 -18.51 32.72 -6.75
C TYR A 341 -17.74 34.03 -6.83
N PHE A 342 -16.47 33.99 -6.41
CA PHE A 342 -15.61 35.16 -6.39
C PHE A 342 -14.49 34.97 -7.40
N MET A 343 -14.36 35.92 -8.30
CA MET A 343 -13.26 35.92 -9.26
C MET A 343 -12.46 37.22 -9.18
N ASP A 344 -11.16 37.15 -9.29
CA ASP A 344 -10.26 38.28 -9.38
C ASP A 344 -8.99 37.93 -10.13
N GLN A 345 -8.56 38.81 -11.01
CA GLN A 345 -7.38 38.63 -11.83
C GLN A 345 -6.09 39.12 -11.16
N LYS A 346 -6.20 39.80 -10.05
CA LYS A 346 -5.03 40.19 -9.32
C LYS A 346 -4.74 39.77 -7.89
N GLN A 347 -5.21 40.50 -6.91
CA GLN A 347 -5.43 40.05 -5.57
C GLN A 347 -6.71 40.57 -4.98
N GLY A 348 -7.68 39.69 -4.83
CA GLY A 348 -8.97 40.08 -4.31
C GLY A 348 -9.01 40.00 -2.80
N SER A 349 -10.03 40.62 -2.21
CA SER A 349 -10.19 40.67 -0.76
C SER A 349 -11.63 40.35 -0.38
N LEU A 350 -11.80 39.60 0.70
CA LEU A 350 -13.12 39.32 1.22
C LEU A 350 -13.06 39.53 2.73
N ILE A 351 -13.86 40.46 3.22
CA ILE A 351 -13.79 40.82 4.63
C ILE A 351 -15.04 40.34 5.33
N PHE A 352 -14.85 39.59 6.41
CA PHE A 352 -15.96 39.14 7.22
C PHE A 352 -16.30 40.19 8.30
N ALA A 353 -17.39 40.91 8.10
CA ALA A 353 -17.86 41.90 9.07
C ALA A 353 -18.70 41.24 10.17
N SER A 354 -19.16 40.02 9.91
CA SER A 354 -19.89 39.26 10.92
C SER A 354 -19.66 37.78 10.70
N ASP A 355 -19.98 36.97 11.70
CA ASP A 355 -20.01 35.53 11.49
C ASP A 355 -20.90 35.22 10.30
N ILE A 356 -20.54 34.16 9.57
CA ILE A 356 -21.32 33.73 8.43
C ILE A 356 -21.63 32.25 8.49
N ASN A 357 -22.89 31.90 8.42
CA ASN A 357 -23.38 30.57 8.22
C ASN A 357 -24.16 30.48 6.93
N GLN A 358 -23.48 29.99 5.93
CA GLN A 358 -23.98 29.84 4.60
C GLN A 358 -24.94 28.65 4.41
N GLY A 359 -25.05 27.82 5.42
CA GLY A 359 -25.83 26.62 5.31
C GLY A 359 -25.28 25.67 4.28
N ALA A 360 -26.06 25.41 3.24
CA ALA A 360 -25.61 24.50 2.19
C ALA A 360 -24.90 25.24 1.05
N GLY A 361 -24.87 26.56 1.14
CA GLY A 361 -24.13 27.37 0.19
C GLY A 361 -22.64 27.19 0.44
N GLY A 362 -21.86 27.17 -0.64
CA GLY A 362 -20.42 27.04 -0.54
C GLY A 362 -19.69 28.22 -1.17
N LEU A 363 -18.37 28.11 -1.25
CA LEU A 363 -17.54 29.18 -1.83
C LEU A 363 -16.63 28.68 -2.95
N TYR A 364 -16.68 29.37 -4.09
CA TYR A 364 -15.76 29.13 -5.19
C TYR A 364 -14.83 30.33 -5.33
N PHE A 365 -13.54 30.08 -5.44
CA PHE A 365 -12.58 31.15 -5.67
C PHE A 365 -11.82 30.92 -6.97
N GLU A 366 -11.88 31.91 -7.85
CA GLU A 366 -11.08 31.90 -9.08
C GLU A 366 -10.10 33.07 -9.05
N GLY A 367 -8.81 32.79 -8.86
CA GLY A 367 -7.83 33.84 -8.67
C GLY A 367 -7.46 33.96 -7.20
N ASN A 368 -6.43 34.75 -6.91
CA ASN A 368 -5.94 34.87 -5.54
C ASN A 368 -6.83 35.75 -4.68
N PHE A 369 -7.05 35.33 -3.44
CA PHE A 369 -7.85 36.10 -2.50
C PHE A 369 -7.24 36.13 -1.10
N THR A 370 -7.47 37.23 -0.41
CA THR A 370 -7.15 37.36 1.01
C THR A 370 -8.48 37.46 1.73
N VAL A 371 -8.72 36.54 2.65
CA VAL A 371 -10.00 36.47 3.33
C VAL A 371 -9.75 36.69 4.81
N SER A 372 -10.34 37.73 5.35
CA SER A 372 -9.96 38.21 6.66
C SER A 372 -11.14 38.64 7.50
N PRO A 373 -11.11 38.32 8.80
CA PRO A 373 -12.11 38.81 9.75
C PRO A 373 -11.76 40.23 10.18
N ASN A 374 -12.75 41.07 10.47
CA ASN A 374 -12.45 42.33 11.15
C ASN A 374 -11.97 42.05 12.55
N SER A 375 -12.51 41.01 13.14
CA SER A 375 -12.18 40.61 14.46
C SER A 375 -11.94 39.16 14.93
N ASN A 376 -12.99 38.36 15.00
CA ASN A 376 -12.92 36.94 15.23
C ASN A 376 -14.08 36.26 14.56
N GLN A 377 -14.55 36.88 13.51
CA GLN A 377 -15.67 36.35 12.73
C GLN A 377 -15.32 34.96 12.18
N THR A 378 -16.31 34.07 12.18
CA THR A 378 -16.12 32.70 11.68
C THR A 378 -16.90 32.43 10.38
N TRP A 379 -16.53 31.35 9.69
CA TRP A 379 -17.30 30.91 8.52
C TRP A 379 -17.71 29.45 8.62
N GLN A 380 -18.84 29.14 7.99
CA GLN A 380 -19.42 27.81 7.98
C GLN A 380 -20.30 27.65 6.75
N GLY A 381 -20.05 26.62 5.95
CA GLY A 381 -20.80 26.41 4.74
C GLY A 381 -20.47 25.08 4.07
N ALA A 382 -20.91 24.92 2.83
CA ALA A 382 -20.77 23.64 2.15
C ALA A 382 -19.31 23.23 2.01
N GLY A 383 -18.45 24.21 1.75
CA GLY A 383 -17.04 23.94 1.51
C GLY A 383 -16.39 25.03 0.68
N ILE A 384 -15.10 24.86 0.40
CA ILE A 384 -14.39 25.86 -0.40
C ILE A 384 -13.74 25.24 -1.63
N HIS A 385 -14.00 25.82 -2.79
CA HIS A 385 -13.38 25.35 -4.02
C HIS A 385 -12.41 26.40 -4.54
N VAL A 386 -11.13 26.06 -4.59
CA VAL A 386 -10.11 26.97 -5.07
C VAL A 386 -9.58 26.48 -6.41
N SER A 387 -9.64 27.36 -7.41
CA SER A 387 -9.23 27.05 -8.79
C SER A 387 -7.78 26.65 -8.90
N GLU A 388 -7.45 25.98 -9.99
CA GLU A 388 -6.06 25.67 -10.30
C GLU A 388 -5.24 26.95 -10.36
N ASN A 389 -4.04 26.91 -9.78
CA ASN A 389 -3.12 28.05 -9.81
C ASN A 389 -3.58 29.25 -8.98
N SER A 390 -4.64 29.08 -8.19
CA SER A 390 -5.13 30.15 -7.35
C SER A 390 -4.75 29.88 -5.91
N THR A 391 -4.46 30.94 -5.16
CA THR A 391 -4.19 30.80 -3.74
C THR A 391 -5.15 31.66 -2.94
N VAL A 392 -5.78 31.05 -1.95
CA VAL A 392 -6.69 31.77 -1.09
C VAL A 392 -6.14 31.78 0.31
N THR A 393 -5.69 32.95 0.76
CA THR A 393 -5.20 33.13 2.11
C THR A 393 -6.40 33.23 3.06
N TRP A 394 -6.59 32.21 3.88
CA TRP A 394 -7.80 32.03 4.67
C TRP A 394 -7.53 32.34 6.14
N LYS A 395 -7.96 33.51 6.60
CA LYS A 395 -7.62 33.94 7.95
C LYS A 395 -8.81 33.87 8.90
N VAL A 396 -9.81 33.10 8.51
CA VAL A 396 -11.06 33.01 9.26
C VAL A 396 -11.22 31.64 9.89
N ASN A 397 -11.50 31.62 11.19
CA ASN A 397 -11.65 30.35 11.90
C ASN A 397 -12.93 29.61 11.53
N GLY A 398 -13.06 28.39 12.04
CA GLY A 398 -14.25 27.59 11.79
C GLY A 398 -15.09 27.44 13.03
N VAL A 399 -16.02 26.49 12.99
CA VAL A 399 -17.02 26.32 14.04
C VAL A 399 -16.91 24.91 14.63
N GLU A 400 -17.04 24.81 15.94
CA GLU A 400 -16.89 23.52 16.63
C GLU A 400 -17.91 22.51 16.10
N HIS A 401 -17.47 21.26 15.93
CA HIS A 401 -18.32 20.18 15.40
C HIS A 401 -18.71 20.36 13.94
N ASP A 402 -18.01 21.24 13.25
CA ASP A 402 -18.24 21.43 11.82
C ASP A 402 -16.99 21.07 11.02
N ARG A 403 -17.19 20.34 9.92
CA ARG A 403 -16.11 19.95 9.03
C ARG A 403 -16.09 20.85 7.80
N LEU A 404 -14.93 21.40 7.49
CA LEU A 404 -14.76 22.19 6.27
C LEU A 404 -14.32 21.27 5.14
N SER A 405 -14.98 21.39 3.99
CA SER A 405 -14.63 20.64 2.79
C SER A 405 -13.79 21.48 1.83
N LYS A 406 -12.57 21.02 1.55
CA LYS A 406 -11.69 21.73 0.64
C LYS A 406 -11.52 20.95 -0.66
N ILE A 407 -11.95 21.55 -1.76
CA ILE A 407 -11.80 20.93 -3.06
C ILE A 407 -11.20 21.91 -4.05
N GLY A 408 -11.10 21.51 -5.31
CA GLY A 408 -10.43 22.32 -6.31
C GLY A 408 -8.93 22.09 -6.28
N LYS A 409 -8.28 22.31 -7.42
CA LYS A 409 -6.85 22.08 -7.53
C LYS A 409 -6.01 23.17 -6.86
N GLY A 410 -6.65 24.28 -6.48
CA GLY A 410 -5.93 25.42 -5.92
C GLY A 410 -5.52 25.26 -4.46
N THR A 411 -4.89 26.29 -3.92
CA THR A 411 -4.34 26.28 -2.57
C THR A 411 -5.17 27.07 -1.55
N LEU A 412 -5.31 26.51 -0.36
CA LEU A 412 -5.97 27.18 0.77
C LEU A 412 -4.89 27.39 1.80
N HIS A 413 -4.44 28.62 1.97
CA HIS A 413 -3.40 28.91 2.95
C HIS A 413 -4.06 29.32 4.26
N VAL A 414 -4.17 28.38 5.19
CA VAL A 414 -4.84 28.65 6.47
C VAL A 414 -3.95 29.45 7.41
N GLN A 415 -4.46 30.60 7.84
CA GLN A 415 -3.65 31.53 8.61
C GLN A 415 -4.50 32.33 9.61
N ALA A 416 -5.51 31.68 10.19
CA ALA A 416 -6.34 32.34 11.19
C ALA A 416 -5.65 32.36 12.55
N LYS A 417 -6.30 32.99 13.54
CA LYS A 417 -5.68 33.15 14.85
C LYS A 417 -6.32 32.32 15.93
N GLY A 418 -5.48 31.72 16.76
CA GLY A 418 -5.94 31.00 17.93
C GLY A 418 -6.25 29.54 17.68
N GLU A 419 -7.12 29.01 18.52
CA GLU A 419 -7.52 27.61 18.43
C GLU A 419 -8.77 27.48 17.59
N ASN A 420 -8.62 27.03 16.35
CA ASN A 420 -9.77 26.76 15.51
C ASN A 420 -10.40 25.46 15.97
N LYS A 421 -11.69 25.49 16.26
CA LYS A 421 -12.31 24.29 16.77
C LYS A 421 -12.95 23.44 15.66
N GLY A 422 -13.07 23.99 14.46
CA GLY A 422 -13.56 23.24 13.32
C GLY A 422 -12.52 22.25 12.83
N SER A 423 -12.97 21.27 12.05
CA SER A 423 -12.02 20.33 11.42
C SER A 423 -12.01 20.54 9.91
N ILE A 424 -11.28 19.68 9.20
CA ILE A 424 -11.19 19.81 7.75
C ILE A 424 -11.05 18.48 7.03
N SER A 425 -11.66 18.39 5.85
CA SER A 425 -11.40 17.28 4.94
C SER A 425 -10.79 17.83 3.66
N VAL A 426 -9.56 17.41 3.36
CA VAL A 426 -8.85 17.91 2.20
C VAL A 426 -8.98 16.92 1.04
N GLY A 427 -9.88 17.21 0.12
CA GLY A 427 -10.16 16.30 -0.98
C GLY A 427 -9.31 16.56 -2.21
N ASP A 428 -8.98 17.83 -2.45
CA ASP A 428 -8.27 18.19 -3.68
C ASP A 428 -7.37 19.40 -3.46
N GLY A 429 -6.29 19.48 -4.23
CA GLY A 429 -5.41 20.64 -4.17
C GLY A 429 -4.54 20.65 -2.93
N LYS A 430 -4.23 21.85 -2.44
CA LYS A 430 -3.32 21.99 -1.31
C LYS A 430 -3.88 22.88 -0.21
N VAL A 431 -3.66 22.45 1.03
CA VAL A 431 -3.98 23.25 2.19
C VAL A 431 -2.66 23.42 2.91
N ILE A 432 -2.26 24.68 3.10
CA ILE A 432 -1.07 25.00 3.87
C ILE A 432 -1.50 25.40 5.27
N LEU A 433 -0.91 24.78 6.28
CA LEU A 433 -1.24 25.08 7.67
C LEU A 433 -0.27 26.09 8.25
N GLU A 434 -0.77 27.28 8.56
CA GLU A 434 0.02 28.28 9.26
C GLU A 434 -0.83 29.12 10.23
N GLN A 435 -1.62 28.47 11.08
CA GLN A 435 -2.37 29.20 12.10
C GLN A 435 -1.41 30.03 12.93
N GLN A 436 -1.83 31.23 13.28
CA GLN A 436 -1.09 32.09 14.20
C GLN A 436 -1.61 31.94 15.62
N ALA A 437 -0.70 31.98 16.58
CA ALA A 437 -1.10 32.00 17.99
C ALA A 437 -1.96 33.21 18.29
N ASP A 438 -2.91 33.08 19.21
CA ASP A 438 -3.67 34.24 19.65
C ASP A 438 -2.89 34.93 20.76
N ASP A 439 -3.47 35.98 21.34
CA ASP A 439 -2.75 36.74 22.37
C ASP A 439 -2.41 35.86 23.57
N GLN A 440 -3.29 34.90 23.86
CA GLN A 440 -3.10 34.01 24.99
C GLN A 440 -2.15 32.84 24.68
N GLY A 441 -1.69 32.73 23.44
CA GLY A 441 -0.75 31.69 23.08
C GLY A 441 -1.34 30.40 22.50
N ASN A 442 -2.66 30.34 22.40
CA ASN A 442 -3.35 29.22 21.74
C ASN A 442 -3.13 29.22 20.24
N LYS A 443 -2.84 28.04 19.68
CA LYS A 443 -2.62 27.88 18.25
C LYS A 443 -3.02 26.48 17.79
N GLN A 444 -4.00 26.39 16.91
CA GLN A 444 -4.45 25.11 16.35
C GLN A 444 -5.17 25.34 15.02
N ALA A 445 -4.68 24.69 13.97
CA ALA A 445 -5.25 24.88 12.64
C ALA A 445 -6.64 24.25 12.52
N PHE A 446 -6.77 23.02 12.99
CA PHE A 446 -8.04 22.30 12.98
C PHE A 446 -8.07 21.28 14.11
N SER A 447 -9.26 20.96 14.61
CA SER A 447 -9.37 19.96 15.67
C SER A 447 -9.19 18.56 15.11
N GLU A 448 -9.20 18.45 13.79
CA GLU A 448 -9.10 17.15 13.12
C GLU A 448 -8.88 17.39 11.62
N ILE A 449 -7.97 16.62 11.02
CA ILE A 449 -7.58 16.83 9.63
C ILE A 449 -7.51 15.51 8.88
N GLY A 450 -8.23 15.40 7.78
CA GLY A 450 -8.20 14.21 6.95
C GLY A 450 -7.80 14.50 5.52
N LEU A 451 -7.02 13.59 4.93
CA LEU A 451 -6.73 13.62 3.51
C LEU A 451 -7.49 12.47 2.81
N VAL A 452 -8.28 12.79 1.78
CA VAL A 452 -9.05 11.77 1.08
C VAL A 452 -9.06 11.99 -0.43
N SER A 453 -9.19 10.88 -1.15
CA SER A 453 -9.31 10.86 -2.62
C SER A 453 -7.98 10.90 -3.35
N GLY A 454 -6.89 10.99 -2.61
CA GLY A 454 -5.57 10.93 -3.19
C GLY A 454 -5.17 12.17 -3.99
N ARG A 455 -6.09 13.11 -4.17
CA ARG A 455 -5.79 14.31 -4.96
C ARG A 455 -5.17 15.43 -4.13
N GLY A 456 -5.33 15.35 -2.81
CA GLY A 456 -4.99 16.46 -1.94
C GLY A 456 -3.64 16.43 -1.27
N THR A 457 -3.23 17.59 -0.76
CA THR A 457 -1.96 17.74 -0.04
C THR A 457 -2.11 18.68 1.17
N VAL A 458 -1.60 18.25 2.30
CA VAL A 458 -1.49 19.13 3.44
C VAL A 458 -0.02 19.47 3.62
N GLN A 459 0.30 20.75 3.60
CA GLN A 459 1.68 21.24 3.72
C GLN A 459 1.86 22.01 5.03
N LEU A 460 2.90 21.68 5.78
CA LEU A 460 3.15 22.31 7.07
C LEU A 460 4.05 23.52 6.93
N ASN A 461 3.56 24.68 7.33
CA ASN A 461 4.39 25.88 7.36
C ASN A 461 4.70 26.35 8.77
N ASP A 462 4.50 25.47 9.75
CA ASP A 462 4.77 25.80 11.15
C ASP A 462 4.67 24.56 12.01
N ASP A 463 5.14 24.65 13.26
CA ASP A 463 5.02 23.55 14.20
C ASP A 463 3.73 23.67 15.01
N LYS A 464 3.39 22.58 15.68
CA LYS A 464 2.25 22.54 16.59
C LYS A 464 0.99 23.11 15.97
N GLN A 465 0.60 22.58 14.81
CA GLN A 465 -0.57 23.08 14.09
C GLN A 465 -1.80 22.23 14.35
N PHE A 466 -1.56 21.01 14.79
CA PHE A 466 -2.63 20.07 15.05
C PHE A 466 -2.12 18.93 15.91
N ASP A 467 -3.05 18.20 16.49
CA ASP A 467 -2.75 17.04 17.31
C ASP A 467 -2.58 15.86 16.36
N THR A 468 -1.40 15.24 16.36
CA THR A 468 -1.11 14.20 15.38
C THR A 468 -2.01 12.97 15.55
N ASP A 469 -2.64 12.84 16.71
CA ASP A 469 -3.60 11.77 16.94
C ASP A 469 -4.91 12.04 16.20
N LYS A 470 -5.12 13.29 15.80
CA LYS A 470 -6.36 13.70 15.13
C LYS A 470 -6.19 13.88 13.61
N PHE A 471 -5.07 13.41 13.06
CA PHE A 471 -4.81 13.50 11.64
C PHE A 471 -5.03 12.11 11.06
N TYR A 472 -5.69 12.04 9.91
CA TYR A 472 -5.91 10.73 9.29
C TYR A 472 -5.84 10.79 7.78
N PHE A 473 -5.30 9.72 7.19
CA PHE A 473 -5.45 9.46 5.77
C PHE A 473 -6.69 8.56 5.58
N GLY A 474 -7.76 9.16 5.07
CA GLY A 474 -8.97 8.40 4.81
C GLY A 474 -8.90 7.66 3.49
N PHE A 475 -10.07 7.39 2.92
CA PHE A 475 -10.22 6.70 1.65
C PHE A 475 -9.34 7.31 0.58
N ARG A 476 -8.35 6.55 0.12
CA ARG A 476 -7.42 6.95 -0.95
C ARG A 476 -6.37 8.01 -0.53
N GLY A 477 -6.44 8.45 0.71
CA GLY A 477 -5.41 9.28 1.29
C GLY A 477 -5.07 10.51 0.49
N GLY A 478 -3.78 10.82 0.45
CA GLY A 478 -3.27 12.07 -0.10
C GLY A 478 -1.87 12.34 0.46
N ARG A 479 -1.35 13.54 0.24
CA ARG A 479 0.04 13.85 0.65
C ARG A 479 0.11 14.73 1.88
N LEU A 480 0.80 14.25 2.89
CA LEU A 480 1.18 15.10 4.01
C LEU A 480 2.62 15.52 3.75
N ASP A 481 2.79 16.77 3.37
CA ASP A 481 4.12 17.33 3.09
C ASP A 481 4.66 18.04 4.32
N LEU A 482 5.59 17.37 5.01
CA LEU A 482 6.17 17.90 6.24
C LEU A 482 6.95 19.20 6.01
N ASN A 483 7.34 19.44 4.76
CA ASN A 483 7.97 20.70 4.39
C ASN A 483 9.02 21.12 5.41
N GLY A 484 9.91 20.20 5.75
CA GLY A 484 11.04 20.52 6.61
C GLY A 484 10.73 20.47 8.10
N HIS A 485 9.52 20.05 8.45
CA HIS A 485 9.14 20.00 9.85
C HIS A 485 9.16 18.56 10.37
N SER A 486 9.10 18.39 11.68
CA SER A 486 9.10 17.06 12.23
C SER A 486 7.85 16.79 13.05
N LEU A 487 7.43 15.52 13.06
CA LEU A 487 6.23 15.12 13.78
C LEU A 487 6.50 13.81 14.52
N THR A 488 5.80 13.62 15.63
CA THR A 488 5.76 12.33 16.30
C THR A 488 4.33 11.83 16.27
N PHE A 489 4.15 10.55 15.97
CA PHE A 489 2.86 9.89 16.07
C PHE A 489 2.91 8.76 17.10
N LYS A 490 1.78 8.49 17.74
CA LYS A 490 1.64 7.24 18.48
C LYS A 490 1.29 6.15 17.47
N ARG A 491 0.15 6.31 16.81
CA ARG A 491 -0.14 5.56 15.59
C ARG A 491 -0.63 6.52 14.50
N ILE A 492 -0.34 6.19 13.25
CA ILE A 492 -0.85 6.99 12.15
C ILE A 492 -2.17 6.40 11.69
N GLN A 493 -3.23 7.21 11.67
CA GLN A 493 -4.50 6.77 11.12
C GLN A 493 -4.40 6.77 9.60
N ASN A 494 -4.57 5.60 9.02
CA ASN A 494 -4.50 5.47 7.57
C ASN A 494 -5.38 4.32 7.15
N THR A 495 -5.91 4.43 5.93
CA THR A 495 -6.85 3.44 5.38
C THR A 495 -6.22 2.55 4.31
N ASP A 496 -5.34 3.12 3.48
CA ASP A 496 -4.82 2.40 2.31
C ASP A 496 -3.50 2.96 1.80
N GLU A 497 -3.07 2.53 0.61
CA GLU A 497 -1.78 2.95 0.07
C GLU A 497 -1.79 4.36 -0.51
N GLY A 498 -2.96 4.99 -0.54
CA GLY A 498 -3.05 6.39 -0.90
C GLY A 498 -2.38 7.29 0.12
N ALA A 499 -2.15 6.77 1.33
CA ALA A 499 -1.50 7.56 2.37
C ALA A 499 -0.03 7.83 2.00
N MET A 500 0.35 9.10 1.93
CA MET A 500 1.75 9.44 1.65
C MET A 500 2.29 10.50 2.60
N ILE A 501 3.42 10.17 3.22
CA ILE A 501 4.13 11.16 4.02
C ILE A 501 5.41 11.52 3.28
N VAL A 502 5.55 12.80 2.96
CA VAL A 502 6.67 13.27 2.14
C VAL A 502 7.28 14.57 2.69
N ASN A 503 8.41 14.96 2.11
CA ASN A 503 9.03 16.25 2.40
C ASN A 503 9.47 16.90 1.10
N HIS A 504 8.70 17.86 0.62
CA HIS A 504 9.02 18.52 -0.63
C HIS A 504 10.04 19.65 -0.46
N ASN A 505 10.47 19.87 0.77
CA ASN A 505 11.44 20.93 1.03
C ASN A 505 12.84 20.51 0.58
N THR A 506 13.41 21.30 -0.31
CA THR A 506 14.69 20.98 -0.93
C THR A 506 15.85 21.30 0.01
N THR A 507 15.54 22.05 1.07
CA THR A 507 16.58 22.65 1.89
C THR A 507 16.63 22.13 3.33
N GLN A 508 15.48 21.81 3.89
CA GLN A 508 15.43 21.32 5.26
C GLN A 508 14.95 19.88 5.33
N ALA A 509 15.67 19.04 6.07
CA ALA A 509 15.25 17.67 6.28
C ALA A 509 14.01 17.60 7.19
N ALA A 510 13.41 16.43 7.28
CA ALA A 510 12.24 16.23 8.13
C ALA A 510 12.31 14.85 8.80
N ASN A 511 11.72 14.73 9.98
CA ASN A 511 11.66 13.44 10.65
C ASN A 511 10.25 13.07 11.05
N VAL A 512 9.88 11.81 10.85
CA VAL A 512 8.66 11.26 11.43
C VAL A 512 9.05 10.20 12.44
N THR A 513 8.60 10.39 13.67
CA THR A 513 8.81 9.38 14.70
C THR A 513 7.49 8.67 15.01
N ILE A 514 7.53 7.35 15.09
CA ILE A 514 6.38 6.55 15.48
C ILE A 514 6.70 5.84 16.78
N THR A 515 5.89 6.07 17.81
CA THR A 515 6.16 5.52 19.15
C THR A 515 5.23 4.37 19.56
N GLY A 516 4.19 4.12 18.78
CA GLY A 516 3.26 3.05 19.08
C GLY A 516 2.22 3.48 20.08
N ASN A 517 1.27 2.61 20.37
CA ASN A 517 0.21 2.93 21.30
C ASN A 517 0.75 3.11 22.71
N GLU A 518 0.24 4.13 23.39
CA GLU A 518 0.62 4.46 24.76
C GLU A 518 0.41 3.30 25.73
N SER A 519 -0.78 2.71 25.72
CA SER A 519 -1.09 1.59 26.59
C SER A 519 -1.76 0.46 25.83
N ILE A 520 -1.56 -0.77 26.31
CA ILE A 520 -2.27 -1.92 25.77
C ILE A 520 -3.23 -2.50 26.80
N VAL A 521 -3.49 -1.73 27.86
CA VAL A 521 -4.52 -2.11 28.82
C VAL A 521 -5.82 -1.40 28.47
N LEU A 522 -6.83 -2.19 28.11
CA LEU A 522 -8.13 -1.65 27.74
C LEU A 522 -8.70 -0.73 28.79
N PRO A 523 -9.26 0.40 28.35
CA PRO A 523 -9.94 1.34 29.23
C PRO A 523 -11.33 0.81 29.56
N ASN A 524 -12.15 1.62 30.21
CA ASN A 524 -13.53 1.24 30.44
C ASN A 524 -14.41 2.11 29.55
N GLY A 525 -15.70 2.15 29.84
CA GLY A 525 -16.59 2.95 29.04
C GLY A 525 -17.09 2.22 27.83
N ASN A 526 -17.89 2.92 27.03
CA ASN A 526 -18.64 2.29 25.96
C ASN A 526 -18.33 2.84 24.58
N ASN A 527 -17.13 3.36 24.40
CA ASN A 527 -16.69 3.71 23.05
C ASN A 527 -15.19 3.55 22.94
N ILE A 528 -14.75 2.32 23.18
CA ILE A 528 -13.36 1.95 23.07
C ILE A 528 -12.96 1.85 21.61
N ASN A 529 -11.89 2.55 21.22
CA ASN A 529 -11.28 2.34 19.92
C ASN A 529 -10.13 1.36 20.06
N LYS A 530 -10.42 0.10 19.79
CA LYS A 530 -9.47 -0.99 19.96
C LYS A 530 -8.11 -0.74 19.32
N LEU A 531 -8.10 0.03 18.23
CA LEU A 531 -6.86 0.31 17.50
C LEU A 531 -5.81 1.01 18.38
N ASP A 532 -6.29 1.70 19.41
CA ASP A 532 -5.42 2.48 20.29
C ASP A 532 -4.84 1.67 21.45
N TYR A 533 -5.21 0.40 21.55
CA TYR A 533 -4.79 -0.39 22.70
C TYR A 533 -4.17 -1.72 22.32
N ARG A 534 -3.72 -1.79 21.06
CA ARG A 534 -3.12 -3.00 20.54
C ARG A 534 -1.60 -2.88 20.51
N LYS A 535 -0.92 -4.02 20.56
CA LYS A 535 0.53 -4.05 20.47
C LYS A 535 0.99 -3.76 19.05
N GLU A 536 0.12 -4.06 18.09
CA GLU A 536 0.45 -3.93 16.67
C GLU A 536 -0.23 -2.72 16.05
N ILE A 537 0.56 -1.90 15.37
CA ILE A 537 0.02 -0.81 14.56
C ILE A 537 0.56 -0.98 13.17
N ALA A 538 -0.07 -0.35 12.19
CA ALA A 538 0.33 -0.56 10.82
C ALA A 538 0.19 0.71 10.00
N TYR A 539 0.98 0.79 8.94
CA TYR A 539 0.89 1.89 8.01
C TYR A 539 0.84 1.33 6.60
N ASN A 540 -0.28 1.53 5.92
CA ASN A 540 -0.49 0.97 4.59
C ASN A 540 0.11 1.82 3.46
N GLY A 541 0.64 2.99 3.80
CA GLY A 541 1.01 3.97 2.80
C GLY A 541 2.50 4.09 2.49
N TRP A 542 2.87 5.28 2.01
CA TRP A 542 4.24 5.58 1.57
C TRP A 542 4.97 6.56 2.49
N PHE A 543 6.27 6.35 2.64
CA PHE A 543 7.19 7.33 3.21
C PHE A 543 8.16 7.77 2.12
N GLY A 544 8.08 9.03 1.72
CA GLY A 544 8.92 9.52 0.66
C GLY A 544 8.10 9.74 -0.60
N GLU A 545 8.55 10.66 -1.43
CA GLU A 545 7.83 10.99 -2.65
C GLU A 545 8.19 10.02 -3.77
N THR A 546 7.18 9.48 -4.44
CA THR A 546 7.44 8.56 -5.55
C THR A 546 7.35 9.26 -6.91
N ASP A 547 6.67 10.40 -6.96
CA ASP A 547 6.51 11.14 -8.21
C ASP A 547 7.82 11.81 -8.61
N LYS A 548 8.34 11.43 -9.77
CA LYS A 548 9.61 11.97 -10.25
C LYS A 548 9.56 13.48 -10.47
N ASN A 549 8.39 14.00 -10.79
CA ASN A 549 8.25 15.43 -11.07
C ASN A 549 7.99 16.26 -9.83
N LYS A 550 8.05 15.63 -8.66
CA LYS A 550 7.97 16.35 -7.39
C LYS A 550 9.26 16.12 -6.62
N HIS A 551 9.61 17.04 -5.75
CA HIS A 551 10.85 16.95 -5.01
C HIS A 551 10.82 15.93 -3.86
N ASN A 552 11.74 14.98 -3.90
CA ASN A 552 11.87 14.02 -2.81
C ASN A 552 12.92 14.52 -1.80
N GLY A 553 12.50 15.42 -0.91
CA GLY A 553 13.39 16.00 0.07
C GLY A 553 13.79 15.03 1.17
N ARG A 554 14.85 15.36 1.90
CA ARG A 554 15.35 14.46 2.93
C ARG A 554 14.25 14.15 3.93
N LEU A 555 14.04 12.86 4.18
CA LEU A 555 13.05 12.43 5.16
C LEU A 555 13.56 11.19 5.91
N ASN A 556 13.57 11.26 7.23
CA ASN A 556 13.96 10.14 8.08
C ASN A 556 12.77 9.58 8.84
N LEU A 557 12.81 8.28 9.09
CA LEU A 557 11.75 7.61 9.83
C LEU A 557 12.32 6.89 11.06
N ILE A 558 11.76 7.16 12.23
CA ILE A 558 12.22 6.54 13.46
C ILE A 558 11.09 5.77 14.12
N TYR A 559 11.31 4.46 14.33
CA TYR A 559 10.39 3.66 15.12
C TYR A 559 10.97 3.46 16.51
N LYS A 560 10.29 4.00 17.51
CA LYS A 560 10.81 4.01 18.87
C LYS A 560 9.70 3.74 19.88
N PRO A 561 9.26 2.48 19.97
CA PRO A 561 8.20 2.09 20.91
C PRO A 561 8.77 2.05 22.32
N THR A 562 7.92 1.93 23.34
CA THR A 562 8.39 1.90 24.72
C THR A 562 8.80 0.50 25.17
N THR A 563 8.16 -0.51 24.60
CA THR A 563 8.33 -1.88 25.07
C THR A 563 8.78 -2.80 23.96
N GLU A 564 9.48 -3.86 24.33
CA GLU A 564 10.01 -4.80 23.36
C GLU A 564 8.89 -5.47 22.55
N ASP A 565 7.70 -5.57 23.13
CA ASP A 565 6.58 -6.26 22.48
C ASP A 565 5.61 -5.31 21.78
N ARG A 566 6.12 -4.51 20.86
CA ARG A 566 5.27 -3.61 20.06
C ARG A 566 5.67 -3.76 18.61
N THR A 567 4.70 -3.87 17.71
CA THR A 567 5.01 -4.10 16.30
C THR A 567 4.50 -2.99 15.41
N LEU A 568 5.33 -2.63 14.44
CA LEU A 568 4.95 -1.69 13.40
C LEU A 568 4.99 -2.42 12.06
N LEU A 569 3.85 -2.47 11.38
CA LEU A 569 3.78 -3.10 10.08
C LEU A 569 3.79 -2.04 8.98
N LEU A 570 4.74 -2.16 8.07
CA LEU A 570 4.75 -1.32 6.88
C LEU A 570 4.43 -2.19 5.67
N SER A 571 3.27 -1.96 5.06
CA SER A 571 2.84 -2.83 3.97
C SER A 571 2.71 -2.08 2.65
N GLY A 572 3.13 -0.82 2.65
CA GLY A 572 3.02 0.00 1.46
C GLY A 572 4.36 0.19 0.77
N GLY A 573 5.06 1.27 1.10
CA GLY A 573 6.36 1.50 0.51
C GLY A 573 7.14 2.64 1.13
N THR A 574 8.45 2.62 0.91
CA THR A 574 9.31 3.75 1.25
C THR A 574 10.19 4.10 0.05
N ASN A 575 10.37 5.40 -0.17
CA ASN A 575 11.36 5.88 -1.12
C ASN A 575 12.14 7.01 -0.45
N LEU A 576 12.89 6.66 0.59
CA LEU A 576 13.45 7.68 1.47
C LEU A 576 14.83 8.16 1.10
N LYS A 577 14.93 9.48 0.91
CA LYS A 577 16.22 10.13 0.90
C LYS A 577 16.53 10.42 2.35
N GLY A 578 17.06 9.40 3.04
CA GLY A 578 17.21 9.44 4.48
C GLY A 578 17.21 8.02 5.01
N ASP A 579 17.09 7.89 6.33
CA ASP A 579 17.25 6.60 6.97
C ASP A 579 15.98 6.13 7.64
N ILE A 580 15.94 4.83 7.94
CA ILE A 580 14.95 4.27 8.84
C ILE A 580 15.69 3.73 10.04
N THR A 581 15.28 4.19 11.23
CA THR A 581 15.91 3.80 12.49
C THR A 581 14.94 3.07 13.41
N GLN A 582 15.38 1.95 13.96
CA GLN A 582 14.58 1.22 14.93
C GLN A 582 15.34 1.09 16.26
N THR A 583 14.70 1.49 17.35
CA THR A 583 15.35 1.44 18.66
C THR A 583 14.87 0.27 19.50
N LYS A 584 13.74 -0.31 19.13
CA LYS A 584 13.13 -1.36 19.95
C LYS A 584 11.92 -1.95 19.24
N GLY A 585 11.31 -2.97 19.83
CA GLY A 585 10.07 -3.51 19.32
C GLY A 585 10.28 -4.31 18.06
N LYS A 586 9.21 -4.50 17.30
CA LYS A 586 9.25 -5.29 16.08
C LYS A 586 8.82 -4.45 14.88
N LEU A 587 9.61 -4.53 13.81
CA LEU A 587 9.35 -3.75 12.60
C LEU A 587 9.29 -4.70 11.40
N PHE A 588 8.13 -4.72 10.73
CA PHE A 588 7.91 -5.62 9.60
C PHE A 588 7.82 -4.86 8.30
N PHE A 589 8.62 -5.25 7.32
CA PHE A 589 8.46 -4.79 5.94
C PHE A 589 7.78 -5.93 5.20
N SER A 590 6.59 -5.66 4.67
CA SER A 590 5.78 -6.74 4.12
C SER A 590 4.97 -6.30 2.91
N GLY A 591 4.61 -7.27 2.08
CA GLY A 591 3.58 -7.07 1.08
C GLY A 591 2.27 -7.24 1.83
N ARG A 592 1.16 -7.24 1.09
CA ARG A 592 -0.16 -7.43 1.71
C ARG A 592 -1.13 -8.19 0.79
N PRO A 593 -2.13 -8.86 1.39
CA PRO A 593 -3.06 -9.59 0.53
C PRO A 593 -3.75 -8.63 -0.43
N THR A 594 -4.01 -9.08 -1.65
CA THR A 594 -4.84 -8.29 -2.56
C THR A 594 -6.20 -8.14 -1.89
N PRO A 595 -6.77 -6.93 -1.91
CA PRO A 595 -8.10 -6.71 -1.34
C PRO A 595 -9.18 -7.50 -2.07
N HIS A 596 -10.17 -8.00 -1.34
CA HIS A 596 -11.34 -8.63 -1.94
C HIS A 596 -12.61 -8.21 -1.20
N ALA A 597 -13.71 -8.07 -1.92
CA ALA A 597 -14.98 -7.69 -1.30
C ALA A 597 -15.38 -8.65 -0.18
N TYR A 598 -15.81 -8.07 0.93
CA TYR A 598 -16.21 -8.80 2.13
C TYR A 598 -17.42 -9.70 1.86
N ASN A 599 -17.45 -10.89 2.46
CA ASN A 599 -18.56 -11.82 2.26
C ASN A 599 -19.65 -11.68 3.31
N HIS A 600 -20.76 -11.05 2.93
CA HIS A 600 -21.87 -10.82 3.85
C HIS A 600 -22.84 -12.01 3.93
N LEU A 601 -22.61 -13.06 3.16
CA LEU A 601 -23.59 -14.15 3.10
C LEU A 601 -23.69 -14.96 4.41
N ASN A 602 -24.89 -15.47 4.70
CA ASN A 602 -25.07 -16.32 5.87
C ASN A 602 -24.41 -17.68 5.71
N LYS A 603 -24.47 -18.49 6.76
CA LYS A 603 -23.89 -19.82 6.78
C LYS A 603 -24.26 -20.62 5.54
N ARG A 604 -25.55 -20.62 5.23
CA ARG A 604 -26.10 -21.47 4.19
C ARG A 604 -25.56 -21.16 2.80
N TRP A 605 -25.72 -19.91 2.39
CA TRP A 605 -25.33 -19.55 1.03
C TRP A 605 -23.82 -19.41 0.86
N SER A 606 -23.12 -19.12 1.95
CA SER A 606 -21.66 -19.20 1.94
C SER A 606 -21.20 -20.63 1.65
N GLU A 607 -21.84 -21.60 2.30
CA GLU A 607 -21.50 -23.01 2.09
C GLU A 607 -21.79 -23.45 0.66
N MET A 608 -22.90 -22.97 0.12
CA MET A 608 -23.29 -23.26 -1.25
C MET A 608 -22.26 -22.68 -2.21
N GLU A 609 -21.86 -21.45 -1.97
CA GLU A 609 -20.86 -20.78 -2.81
C GLU A 609 -19.45 -21.36 -2.57
N GLY A 610 -19.23 -21.94 -1.39
CA GLY A 610 -17.94 -22.51 -1.08
C GLY A 610 -16.88 -21.49 -0.62
N ILE A 611 -17.31 -20.42 0.03
CA ILE A 611 -16.40 -19.39 0.54
C ILE A 611 -16.67 -19.14 2.02
N PRO A 612 -15.62 -18.72 2.77
CA PRO A 612 -15.77 -18.45 4.20
C PRO A 612 -16.70 -17.26 4.44
N GLN A 613 -17.31 -17.21 5.61
CA GLN A 613 -18.05 -16.02 6.01
C GLN A 613 -17.07 -14.90 6.32
N GLY A 614 -17.44 -13.67 6.02
CA GLY A 614 -16.63 -12.52 6.39
C GLY A 614 -15.50 -12.18 5.44
N GLU A 615 -14.34 -11.82 5.99
CA GLU A 615 -13.25 -11.27 5.19
C GLU A 615 -12.74 -12.27 4.18
N ILE A 616 -12.56 -11.81 2.94
CA ILE A 616 -12.05 -12.65 1.89
C ILE A 616 -10.57 -12.35 1.64
N VAL A 617 -9.70 -13.27 2.04
CA VAL A 617 -8.28 -13.11 1.84
C VAL A 617 -7.68 -14.36 1.22
N TRP A 618 -7.04 -14.25 0.05
CA TRP A 618 -6.44 -15.40 -0.61
C TRP A 618 -4.93 -15.47 -0.39
N ASP A 619 -4.48 -16.57 0.18
CA ASP A 619 -3.09 -16.73 0.61
C ASP A 619 -2.08 -16.72 -0.56
N HIS A 620 -2.55 -17.03 -1.76
CA HIS A 620 -1.70 -17.04 -2.96
C HIS A 620 -1.82 -15.74 -3.76
N ASP A 621 -2.68 -14.85 -3.30
CA ASP A 621 -2.96 -13.62 -4.04
C ASP A 621 -2.60 -12.41 -3.20
N TRP A 622 -1.33 -12.02 -3.26
CA TRP A 622 -0.79 -10.88 -2.51
C TRP A 622 -0.19 -9.84 -3.44
N ILE A 623 -0.13 -8.60 -2.95
CA ILE A 623 0.52 -7.50 -3.65
C ILE A 623 2.00 -7.46 -3.29
N ASN A 624 2.86 -7.36 -4.31
CA ASN A 624 4.30 -7.26 -4.08
C ASN A 624 4.76 -5.81 -3.86
N ARG A 625 5.63 -5.61 -2.88
CA ARG A 625 6.08 -4.26 -2.51
C ARG A 625 7.59 -4.03 -2.66
N THR A 626 7.98 -2.77 -2.70
CA THR A 626 9.38 -2.40 -2.73
C THR A 626 9.63 -1.40 -1.62
N PHE A 627 10.80 -1.48 -1.02
CA PHE A 627 11.20 -0.54 0.00
C PHE A 627 12.60 -0.04 -0.30
N LYS A 628 12.80 1.26 -0.06
CA LYS A 628 14.09 1.87 -0.29
C LYS A 628 14.38 2.98 0.72
N ALA A 629 15.59 2.95 1.24
CA ALA A 629 16.09 4.03 2.06
C ALA A 629 17.59 4.09 1.84
N GLU A 630 18.23 5.13 2.36
CA GLU A 630 19.69 5.19 2.35
C GLU A 630 20.28 4.18 3.36
N ASN A 631 19.88 4.29 4.62
CA ASN A 631 20.33 3.33 5.62
C ASN A 631 19.19 2.80 6.46
N PHE A 632 19.31 1.53 6.85
CA PHE A 632 18.47 0.95 7.88
C PHE A 632 19.34 0.78 9.12
N GLN A 633 19.10 1.59 10.13
CA GLN A 633 19.85 1.47 11.36
C GLN A 633 18.98 0.81 12.39
N ILE A 634 19.19 -0.49 12.58
CA ILE A 634 18.44 -1.24 13.58
C ILE A 634 19.31 -1.23 14.84
N LYS A 635 19.09 -0.24 15.69
CA LYS A 635 19.89 -0.03 16.89
C LYS A 635 19.40 -0.86 18.06
N GLY A 636 18.26 -1.53 17.88
CA GLY A 636 17.70 -2.34 18.93
C GLY A 636 16.40 -2.94 18.45
N GLY A 637 15.93 -3.97 19.14
CA GLY A 637 14.74 -4.67 18.72
C GLY A 637 14.96 -5.61 17.55
N SER A 638 13.92 -5.79 16.74
CA SER A 638 13.95 -6.75 15.66
C SER A 638 13.28 -6.22 14.39
N ALA A 639 14.01 -6.25 13.29
CA ALA A 639 13.50 -5.88 11.96
C ALA A 639 13.29 -7.12 11.09
N VAL A 640 12.11 -7.26 10.50
CA VAL A 640 11.81 -8.45 9.71
C VAL A 640 11.31 -8.07 8.32
N VAL A 641 11.95 -8.62 7.28
CA VAL A 641 11.46 -8.44 5.92
C VAL A 641 10.73 -9.71 5.52
N SER A 642 9.41 -9.59 5.35
CA SER A 642 8.53 -10.75 5.26
C SER A 642 8.08 -10.94 3.81
N ARG A 643 7.00 -11.69 3.61
CA ARG A 643 6.63 -12.23 2.30
C ARG A 643 6.13 -11.15 1.37
N ASN A 644 6.28 -11.41 0.06
CA ASN A 644 5.86 -10.48 -0.97
C ASN A 644 6.52 -9.10 -0.89
N VAL A 645 7.81 -9.11 -0.59
CA VAL A 645 8.64 -7.93 -0.76
C VAL A 645 9.55 -8.23 -1.94
N SER A 646 9.32 -7.52 -3.05
CA SER A 646 10.08 -7.75 -4.26
C SER A 646 11.54 -7.41 -4.03
N SER A 647 11.76 -6.28 -3.37
CA SER A 647 13.10 -5.80 -3.15
C SER A 647 13.13 -4.83 -1.98
N ILE A 648 14.24 -4.84 -1.25
CA ILE A 648 14.48 -3.78 -0.29
C ILE A 648 15.89 -3.25 -0.54
N GLU A 649 15.98 -1.95 -0.78
CA GLU A 649 17.23 -1.32 -1.17
C GLU A 649 17.75 -0.34 -0.12
N GLY A 650 19.05 -0.42 0.17
CA GLY A 650 19.68 0.41 1.17
C GLY A 650 20.65 -0.39 2.01
N ASN A 651 21.50 0.28 2.77
CA ASN A 651 22.52 -0.40 3.56
C ASN A 651 22.05 -0.61 4.99
N TRP A 652 22.40 -1.75 5.57
CA TRP A 652 21.91 -2.12 6.89
C TRP A 652 23.00 -2.02 7.94
N THR A 653 22.67 -1.43 9.07
CA THR A 653 23.53 -1.46 10.25
C THR A 653 22.75 -1.96 11.46
N VAL A 654 23.11 -3.14 11.94
CA VAL A 654 22.44 -3.74 13.09
C VAL A 654 23.44 -3.77 14.24
N SER A 655 23.06 -3.20 15.37
CA SER A 655 24.00 -3.01 16.47
C SER A 655 23.40 -3.43 17.81
N ASN A 656 24.17 -3.26 18.87
CA ASN A 656 23.79 -3.72 20.21
C ASN A 656 23.30 -5.16 20.16
N ASN A 657 22.13 -5.42 20.74
CA ASN A 657 21.53 -6.75 20.71
C ASN A 657 20.39 -6.82 19.70
N ALA A 658 20.46 -6.00 18.67
CA ALA A 658 19.39 -5.93 17.68
C ALA A 658 19.40 -7.15 16.77
N ASN A 659 18.36 -7.29 15.96
CA ASN A 659 18.30 -8.38 15.00
C ASN A 659 17.61 -7.97 13.70
N ALA A 660 18.04 -8.55 12.59
CA ALA A 660 17.39 -8.33 11.29
C ALA A 660 17.26 -9.66 10.55
N THR A 661 16.04 -9.95 10.07
CA THR A 661 15.77 -11.21 9.40
C THR A 661 15.11 -10.99 8.04
N PHE A 662 15.59 -11.72 7.03
CA PHE A 662 15.09 -11.54 5.65
C PHE A 662 14.59 -12.86 5.06
N GLY A 663 13.40 -12.81 4.47
CA GLY A 663 12.87 -13.95 3.72
C GLY A 663 11.97 -14.85 4.53
N VAL A 664 10.99 -15.47 3.88
CA VAL A 664 10.20 -16.52 4.50
C VAL A 664 10.66 -17.86 3.95
N VAL A 665 10.55 -18.91 4.76
CA VAL A 665 11.04 -20.23 4.38
C VAL A 665 9.91 -21.18 4.00
N PRO A 666 9.96 -21.71 2.77
CA PRO A 666 8.94 -22.67 2.35
C PRO A 666 8.93 -23.91 3.25
N ASN A 667 7.74 -24.45 3.51
CA ASN A 667 7.58 -25.67 4.30
C ASN A 667 7.94 -25.54 5.77
N GLN A 668 7.93 -24.30 6.26
CA GLN A 668 8.06 -24.04 7.68
C GLN A 668 7.01 -23.02 8.06
N GLN A 669 6.91 -22.75 9.36
CA GLN A 669 6.05 -21.67 9.82
C GLN A 669 6.85 -20.39 9.76
N ASN A 670 6.20 -19.31 9.33
CA ASN A 670 6.77 -17.98 9.38
C ASN A 670 5.78 -17.06 10.05
N THR A 671 6.28 -16.06 10.76
CA THR A 671 5.40 -15.07 11.37
C THR A 671 4.93 -14.08 10.30
N ILE A 672 3.63 -14.08 10.02
CA ILE A 672 3.09 -13.22 8.99
C ILE A 672 2.20 -12.13 9.59
N CYS A 673 2.47 -10.88 9.24
CA CYS A 673 1.72 -9.73 9.74
C CYS A 673 0.82 -9.16 8.66
N THR A 674 -0.48 -9.08 8.96
CA THR A 674 -1.44 -8.53 8.01
C THR A 674 -2.44 -7.67 8.75
N ARG A 675 -2.90 -6.60 8.10
CA ARG A 675 -3.93 -5.74 8.65
C ARG A 675 -5.28 -5.96 7.96
N SER A 676 -6.34 -6.05 8.74
CA SER A 676 -7.66 -6.29 8.17
C SER A 676 -8.21 -5.00 7.58
N ASP A 677 -8.58 -5.04 6.30
CA ASP A 677 -9.24 -3.92 5.65
C ASP A 677 -10.57 -3.61 6.31
N TRP A 678 -11.20 -4.65 6.88
CA TRP A 678 -12.54 -4.53 7.41
C TRP A 678 -12.59 -3.87 8.80
N THR A 679 -11.58 -4.14 9.62
CA THR A 679 -11.56 -3.61 10.97
C THR A 679 -10.41 -2.64 11.26
N GLY A 680 -9.40 -2.65 10.40
CA GLY A 680 -8.22 -1.84 10.64
C GLY A 680 -7.26 -2.50 11.63
N LEU A 681 -7.62 -3.66 12.14
CA LEU A 681 -6.80 -4.39 13.11
C LEU A 681 -5.61 -5.14 12.49
N THR A 682 -4.46 -5.12 13.18
CA THR A 682 -3.29 -5.83 12.67
C THR A 682 -3.06 -7.10 13.47
N THR A 683 -2.77 -8.19 12.78
CA THR A 683 -2.53 -9.46 13.44
C THR A 683 -1.21 -10.07 13.00
N CYS A 684 -0.40 -10.50 13.96
CA CYS A 684 0.84 -11.19 13.66
C CYS A 684 0.77 -12.60 14.21
N GLN A 685 1.02 -13.59 13.36
CA GLN A 685 0.89 -14.98 13.76
C GLN A 685 1.69 -15.92 12.88
N LYS A 686 2.13 -17.02 13.48
CA LYS A 686 2.86 -18.06 12.77
C LYS A 686 1.92 -18.77 11.80
N VAL A 687 2.35 -18.89 10.54
CA VAL A 687 1.53 -19.50 9.50
C VAL A 687 2.40 -20.51 8.76
N ASP A 688 1.85 -21.69 8.53
CA ASP A 688 2.53 -22.68 7.70
C ASP A 688 2.56 -22.26 6.25
N LEU A 689 3.74 -22.35 5.64
CA LEU A 689 3.90 -22.08 4.23
C LEU A 689 4.12 -23.41 3.50
N THR A 690 3.03 -24.11 3.19
CA THR A 690 3.12 -25.46 2.64
C THR A 690 2.44 -25.62 1.28
N ASP A 691 1.53 -24.72 0.94
CA ASP A 691 0.83 -24.81 -0.34
C ASP A 691 1.76 -24.40 -1.48
N THR A 692 1.80 -25.25 -2.51
CA THR A 692 2.64 -25.04 -3.70
C THR A 692 2.29 -23.73 -4.41
N LYS A 693 0.99 -23.46 -4.50
CA LYS A 693 0.49 -22.28 -5.19
C LYS A 693 0.92 -21.03 -4.46
N VAL A 694 0.84 -21.07 -3.14
CA VAL A 694 1.25 -19.96 -2.30
C VAL A 694 2.76 -19.78 -2.41
N ILE A 695 3.49 -20.88 -2.24
CA ILE A 695 4.94 -20.84 -2.30
C ILE A 695 5.44 -20.27 -3.62
N ASN A 696 4.80 -20.67 -4.71
CA ASN A 696 5.23 -20.23 -6.04
C ASN A 696 4.87 -18.78 -6.31
N SER A 697 3.95 -18.23 -5.52
CA SER A 697 3.49 -16.87 -5.73
C SER A 697 4.38 -15.85 -5.00
N ILE A 698 5.19 -16.33 -4.07
CA ILE A 698 6.05 -15.44 -3.32
C ILE A 698 7.41 -15.20 -3.99
N PRO A 699 7.73 -13.93 -4.28
CA PRO A 699 9.00 -13.56 -4.92
C PRO A 699 10.19 -13.74 -3.98
N LYS A 700 11.36 -14.02 -4.53
CA LYS A 700 12.59 -14.04 -3.75
C LYS A 700 13.07 -12.61 -3.55
N THR A 701 13.04 -12.15 -2.31
CA THR A 701 13.39 -10.76 -2.01
C THR A 701 14.81 -10.40 -2.43
N GLN A 702 14.94 -9.38 -3.26
CA GLN A 702 16.27 -8.87 -3.60
C GLN A 702 16.66 -7.84 -2.57
N ILE A 703 17.59 -8.20 -1.69
CA ILE A 703 18.15 -7.27 -0.71
C ILE A 703 19.30 -6.53 -1.35
N ASN A 704 19.05 -5.27 -1.73
CA ASN A 704 20.01 -4.50 -2.50
C ASN A 704 20.80 -3.50 -1.65
N GLY A 705 21.81 -4.02 -0.96
CA GLY A 705 22.62 -3.21 -0.07
C GLY A 705 23.61 -4.10 0.65
N SER A 706 24.34 -3.51 1.59
CA SER A 706 25.29 -4.29 2.35
C SER A 706 24.80 -4.38 3.78
N ILE A 707 25.41 -5.28 4.56
CA ILE A 707 24.99 -5.46 5.93
C ILE A 707 26.18 -5.35 6.88
N ASN A 708 26.04 -4.49 7.88
CA ASN A 708 27.05 -4.39 8.91
C ASN A 708 26.47 -4.77 10.25
N LEU A 709 27.08 -5.75 10.90
CA LEU A 709 26.71 -6.15 12.24
C LEU A 709 27.79 -5.77 13.23
N THR A 710 27.40 -5.17 14.34
CA THR A 710 28.35 -4.83 15.39
C THR A 710 27.84 -5.34 16.74
N ASP A 711 28.65 -5.18 17.77
CA ASP A 711 28.27 -5.60 19.12
C ASP A 711 27.76 -7.04 19.14
N ASN A 712 26.54 -7.24 19.62
CA ASN A 712 25.96 -8.57 19.68
C ASN A 712 24.90 -8.80 18.61
N ALA A 713 24.89 -7.95 17.60
CA ALA A 713 23.85 -8.00 16.58
C ALA A 713 23.82 -9.33 15.82
N THR A 714 22.62 -9.71 15.38
CA THR A 714 22.42 -10.92 14.60
C THR A 714 21.67 -10.59 13.33
N ALA A 715 22.03 -11.25 12.23
CA ALA A 715 21.28 -11.14 10.99
C ALA A 715 21.07 -12.50 10.33
N ASN A 716 19.92 -12.68 9.71
CA ASN A 716 19.54 -13.96 9.16
C ASN A 716 18.90 -13.80 7.78
N VAL A 717 19.59 -14.25 6.74
CA VAL A 717 19.00 -14.25 5.41
C VAL A 717 18.64 -15.68 5.06
N LYS A 718 17.36 -15.94 4.85
CA LYS A 718 16.89 -17.31 4.68
C LYS A 718 15.77 -17.43 3.66
N GLY A 719 15.60 -18.63 3.11
CA GLY A 719 14.49 -18.94 2.24
C GLY A 719 14.43 -18.09 0.99
N LEU A 720 13.25 -17.53 0.72
CA LEU A 720 12.99 -16.78 -0.50
C LEU A 720 13.59 -15.38 -0.42
N ALA A 721 14.91 -15.33 -0.45
CA ALA A 721 15.63 -14.08 -0.30
C ALA A 721 17.01 -14.21 -0.92
N LYS A 722 17.49 -13.10 -1.47
CA LYS A 722 18.79 -13.03 -2.10
C LYS A 722 19.47 -11.74 -1.68
N LEU A 723 20.62 -11.87 -1.01
CA LEU A 723 21.41 -10.72 -0.61
C LEU A 723 22.33 -10.29 -1.74
N ASN A 724 22.08 -9.10 -2.28
CA ASN A 724 22.94 -8.55 -3.31
C ASN A 724 23.84 -7.50 -2.69
N GLY A 725 24.82 -7.98 -1.90
CA GLY A 725 25.72 -7.10 -1.19
C GLY A 725 26.62 -7.87 -0.24
N ASN A 726 27.52 -7.16 0.43
CA ASN A 726 28.47 -7.77 1.37
C ASN A 726 27.95 -7.76 2.80
N VAL A 727 28.52 -8.63 3.63
CA VAL A 727 28.24 -8.62 5.06
C VAL A 727 29.56 -8.38 5.80
N THR A 728 29.52 -7.53 6.81
CA THR A 728 30.68 -7.23 7.63
C THR A 728 30.34 -7.37 9.12
N LEU A 729 31.18 -8.09 9.86
CA LEU A 729 30.86 -8.38 11.24
C LEU A 729 32.00 -8.03 12.16
N THR A 730 31.67 -7.51 13.33
CA THR A 730 32.67 -7.16 14.33
C THR A 730 32.15 -7.58 15.70
N ASN A 731 32.98 -7.42 16.72
CA ASN A 731 32.57 -7.72 18.08
C ASN A 731 32.11 -9.17 18.21
N HIS A 732 30.90 -9.38 18.71
CA HIS A 732 30.36 -10.74 18.85
C HIS A 732 29.13 -10.96 17.99
N SER A 733 29.05 -10.25 16.86
CA SER A 733 27.91 -10.36 15.96
C SER A 733 27.84 -11.72 15.25
N GLN A 734 26.64 -12.11 14.81
CA GLN A 734 26.45 -13.39 14.14
C GLN A 734 25.60 -13.26 12.88
N PHE A 735 26.05 -13.88 11.80
CA PHE A 735 25.30 -13.86 10.54
C PHE A 735 25.06 -15.25 10.01
N THR A 736 23.81 -15.53 9.62
CA THR A 736 23.44 -16.83 9.10
C THR A 736 22.76 -16.76 7.73
N LEU A 737 23.30 -17.51 6.77
CA LEU A 737 22.66 -17.67 5.47
C LEU A 737 22.17 -19.09 5.44
N SER A 738 20.85 -19.28 5.30
CA SER A 738 20.28 -20.61 5.44
C SER A 738 19.08 -20.89 4.54
N ASN A 739 18.57 -22.11 4.64
CA ASN A 739 17.34 -22.50 3.98
C ASN A 739 17.29 -22.13 2.51
N ASN A 740 18.40 -22.40 1.83
CA ASN A 740 18.48 -22.27 0.38
C ASN A 740 18.48 -20.84 -0.14
N ALA A 741 18.73 -19.87 0.74
CA ALA A 741 18.88 -18.48 0.31
C ALA A 741 20.19 -18.33 -0.44
N THR A 742 20.34 -17.22 -1.14
CA THR A 742 21.53 -16.93 -1.93
C THR A 742 22.13 -15.58 -1.55
N GLN A 743 23.46 -15.51 -1.54
CA GLN A 743 24.14 -14.21 -1.41
C GLN A 743 25.12 -13.98 -2.54
N ILE A 744 24.99 -12.84 -3.22
CA ILE A 744 26.01 -12.43 -4.16
C ILE A 744 26.79 -11.30 -3.50
N GLY A 745 27.91 -11.67 -2.87
CA GLY A 745 28.74 -10.74 -2.15
C GLY A 745 29.68 -11.45 -1.19
N ASN A 746 30.54 -10.70 -0.52
CA ASN A 746 31.52 -11.29 0.39
C ASN A 746 31.12 -11.19 1.86
N ILE A 747 31.76 -12.03 2.67
CA ILE A 747 31.62 -11.96 4.12
C ILE A 747 32.96 -11.64 4.77
N ARG A 748 32.97 -10.65 5.65
CA ARG A 748 34.21 -10.22 6.28
C ARG A 748 34.04 -10.22 7.79
N LEU A 749 34.71 -11.14 8.48
CA LEU A 749 34.56 -11.28 9.92
C LEU A 749 35.79 -10.85 10.71
N SER A 750 35.57 -10.03 11.74
CA SER A 750 36.63 -9.60 12.64
C SER A 750 36.28 -9.92 14.09
N ASP A 751 37.22 -9.67 14.99
CA ASP A 751 36.99 -9.83 16.42
C ASP A 751 36.49 -11.22 16.79
N ASN A 752 35.31 -11.28 17.41
CA ASN A 752 34.72 -12.54 17.84
C ASN A 752 33.44 -12.86 17.11
N SER A 753 33.27 -12.29 15.92
CA SER A 753 32.06 -12.53 15.15
C SER A 753 32.00 -13.94 14.60
N THR A 754 30.82 -14.34 14.13
CA THR A 754 30.60 -15.66 13.59
C THR A 754 29.72 -15.60 12.35
N ALA A 755 30.03 -16.45 11.37
CA ALA A 755 29.18 -16.57 10.18
C ALA A 755 28.91 -18.03 9.87
N THR A 756 27.74 -18.31 9.31
CA THR A 756 27.36 -19.68 8.99
C THR A 756 26.57 -19.73 7.70
N VAL A 757 26.94 -20.66 6.82
CA VAL A 757 26.15 -20.93 5.63
C VAL A 757 25.60 -22.33 5.77
N ASP A 758 24.33 -22.42 6.14
CA ASP A 758 23.67 -23.71 6.34
C ASP A 758 22.73 -24.02 5.19
N ASN A 759 23.11 -24.99 4.36
CA ASN A 759 22.30 -25.37 3.20
C ASN A 759 21.88 -24.13 2.42
N ALA A 760 22.85 -23.31 2.04
CA ALA A 760 22.57 -22.12 1.25
C ALA A 760 23.73 -21.85 0.29
N ASN A 761 23.60 -20.79 -0.50
CA ASN A 761 24.53 -20.53 -1.59
C ASN A 761 25.26 -19.21 -1.44
N LEU A 762 26.49 -19.27 -0.91
CA LEU A 762 27.34 -18.09 -0.83
C LEU A 762 28.18 -17.97 -2.09
N ASN A 763 27.79 -17.05 -2.95
CA ASN A 763 28.54 -16.75 -4.15
C ASN A 763 29.45 -15.54 -3.89
N GLY A 764 30.59 -15.81 -3.26
CA GLY A 764 31.52 -14.77 -2.87
C GLY A 764 32.55 -15.30 -1.88
N ASN A 765 33.40 -14.42 -1.37
CA ASN A 765 34.54 -14.84 -0.56
C ASN A 765 34.41 -14.54 0.93
N VAL A 766 35.15 -15.29 1.74
CA VAL A 766 35.15 -15.13 3.18
C VAL A 766 36.55 -14.78 3.67
N HIS A 767 36.61 -13.83 4.60
CA HIS A 767 37.87 -13.36 5.12
C HIS A 767 37.73 -13.14 6.63
N LEU A 768 38.46 -13.94 7.41
CA LEU A 768 38.42 -13.86 8.87
C LEU A 768 39.74 -13.35 9.43
N THR A 769 39.67 -12.67 10.56
CA THR A 769 40.85 -12.29 11.33
C THR A 769 40.52 -12.40 12.79
N ASP A 770 41.50 -12.15 13.65
CA ASP A 770 41.29 -12.17 15.10
C ASP A 770 40.76 -13.53 15.55
N SER A 771 39.60 -13.55 16.22
CA SER A 771 39.06 -14.79 16.74
C SER A 771 37.77 -15.21 16.02
N ALA A 772 37.54 -14.63 14.86
CA ALA A 772 36.31 -14.88 14.09
C ALA A 772 36.16 -16.34 13.70
N GLN A 773 34.93 -16.78 13.48
CA GLN A 773 34.67 -18.14 13.04
C GLN A 773 33.71 -18.19 11.86
N PHE A 774 34.02 -19.06 10.91
CA PHE A 774 33.14 -19.29 9.77
C PHE A 774 32.74 -20.75 9.69
N SER A 775 31.45 -21.00 9.61
CA SER A 775 30.92 -22.35 9.60
C SER A 775 30.13 -22.63 8.32
N LEU A 776 30.48 -23.74 7.67
CA LEU A 776 29.84 -24.14 6.43
C LEU A 776 29.19 -25.49 6.64
N LYS A 777 27.87 -25.53 6.68
CA LYS A 777 27.15 -26.76 6.97
C LYS A 777 26.23 -27.14 5.83
N ASN A 778 26.21 -28.43 5.49
CA ASN A 778 25.25 -28.95 4.54
C ASN A 778 25.19 -28.11 3.27
N SER A 779 26.33 -27.59 2.84
CA SER A 779 26.38 -26.73 1.68
C SER A 779 27.53 -27.09 0.77
N HIS A 780 27.45 -26.62 -0.47
CA HIS A 780 28.61 -26.66 -1.36
C HIS A 780 29.06 -25.23 -1.60
N PHE A 781 30.37 -25.04 -1.60
CA PHE A 781 30.96 -23.71 -1.74
C PHE A 781 32.17 -23.82 -2.67
N SER A 782 32.32 -22.83 -3.55
CA SER A 782 33.34 -22.89 -4.60
C SER A 782 34.12 -21.58 -4.71
N HIS A 783 34.24 -20.85 -3.61
CA HIS A 783 34.98 -19.59 -3.62
C HIS A 783 36.10 -19.56 -2.58
N GLN A 784 36.68 -18.39 -2.39
CA GLN A 784 37.89 -18.26 -1.57
C GLN A 784 37.59 -18.10 -0.09
N ILE A 785 38.37 -18.75 0.76
CA ILE A 785 38.33 -18.48 2.20
C ILE A 785 39.72 -18.14 2.73
N GLN A 786 39.82 -16.98 3.39
CA GLN A 786 41.10 -16.52 3.94
C GLN A 786 40.96 -16.30 5.44
N GLY A 787 41.77 -17.01 6.21
CA GLY A 787 41.73 -16.88 7.66
C GLY A 787 43.11 -16.84 8.27
N ASP A 788 43.37 -15.85 9.11
CA ASP A 788 44.66 -15.77 9.77
C ASP A 788 44.57 -15.93 11.29
N LYS A 789 45.68 -15.62 11.94
CA LYS A 789 45.92 -16.02 13.33
C LYS A 789 44.72 -15.85 14.25
N GLY A 790 44.32 -16.96 14.87
CA GLY A 790 43.23 -16.97 15.82
C GLY A 790 41.93 -17.55 15.26
N THR A 791 41.75 -17.43 13.95
CA THR A 791 40.48 -17.76 13.29
C THR A 791 40.26 -19.25 13.08
N THR A 792 38.99 -19.65 13.12
CA THR A 792 38.61 -21.05 12.91
C THR A 792 37.57 -21.19 11.80
N VAL A 793 37.88 -22.03 10.82
CA VAL A 793 36.92 -22.39 9.79
C VAL A 793 36.44 -23.80 10.08
N THR A 794 35.15 -24.03 9.93
CA THR A 794 34.56 -25.34 10.22
C THR A 794 33.61 -25.79 9.11
N LEU A 795 33.77 -27.04 8.69
CA LEU A 795 32.86 -27.63 7.71
C LEU A 795 32.12 -28.81 8.31
N GLU A 796 30.81 -28.89 8.06
CA GLU A 796 30.03 -30.06 8.47
C GLU A 796 29.08 -30.49 7.36
N ASN A 797 29.23 -31.72 6.91
CA ASN A 797 28.42 -32.24 5.81
C ASN A 797 28.51 -31.33 4.62
N ALA A 798 29.71 -30.78 4.39
CA ALA A 798 29.92 -29.78 3.35
C ALA A 798 31.01 -30.17 2.37
N THR A 799 30.91 -29.65 1.16
CA THR A 799 31.99 -29.78 0.19
C THR A 799 32.49 -28.37 -0.17
N TRP A 800 33.80 -28.25 -0.33
CA TRP A 800 34.40 -26.98 -0.71
C TRP A 800 35.39 -27.18 -1.85
N THR A 801 35.16 -26.51 -2.97
CA THR A 801 36.09 -26.55 -4.09
C THR A 801 36.93 -25.27 -4.15
N MET A 802 38.16 -25.36 -3.67
CA MET A 802 39.09 -24.24 -3.62
C MET A 802 39.36 -23.71 -5.03
N PRO A 803 39.37 -22.38 -5.19
CA PRO A 803 39.59 -21.75 -6.49
C PRO A 803 41.07 -21.43 -6.76
N SER A 804 41.84 -21.29 -5.69
CA SER A 804 43.25 -20.88 -5.77
C SER A 804 43.97 -21.12 -4.44
N ASP A 805 45.27 -20.84 -4.41
CA ASP A 805 46.04 -20.93 -3.17
C ASP A 805 45.29 -20.25 -2.04
N THR A 806 45.30 -20.88 -0.87
CA THR A 806 44.50 -20.42 0.26
C THR A 806 45.22 -20.62 1.58
N THR A 807 45.04 -19.67 2.49
CA THR A 807 45.60 -19.81 3.83
C THR A 807 44.52 -19.72 4.90
N LEU A 808 44.60 -20.63 5.84
CA LEU A 808 43.71 -20.63 6.97
C LEU A 808 44.52 -20.84 8.22
N GLN A 809 43.93 -20.57 9.35
CA GLN A 809 44.56 -20.81 10.59
C GLN A 809 44.23 -22.15 11.21
N ASN A 810 43.08 -22.24 11.83
CA ASN A 810 42.51 -23.50 12.24
C ASN A 810 41.40 -23.90 11.29
N LEU A 811 41.26 -25.19 11.09
CA LEU A 811 40.30 -25.75 10.20
C LEU A 811 39.80 -27.03 10.79
N THR A 812 38.50 -27.20 10.84
CA THR A 812 37.90 -28.39 11.44
C THR A 812 37.00 -29.09 10.43
N LEU A 813 37.28 -30.37 10.19
CA LEU A 813 36.48 -31.14 9.26
C LEU A 813 35.58 -32.11 9.99
N ASN A 814 34.41 -32.36 9.43
CA ASN A 814 33.48 -33.34 9.96
C ASN A 814 32.58 -33.81 8.83
N ASN A 815 32.84 -35.02 8.34
CA ASN A 815 32.09 -35.58 7.23
C ASN A 815 32.02 -34.62 6.07
N SER A 816 33.13 -33.93 5.81
CA SER A 816 33.19 -32.94 4.74
C SER A 816 34.37 -33.18 3.79
N THR A 817 34.24 -32.68 2.56
CA THR A 817 35.27 -32.88 1.54
C THR A 817 35.81 -31.56 0.99
N ILE A 818 37.14 -31.46 0.92
CA ILE A 818 37.77 -30.30 0.30
C ILE A 818 38.45 -30.71 -0.99
N THR A 819 37.99 -30.17 -2.11
CA THR A 819 38.64 -30.37 -3.38
C THR A 819 39.63 -29.23 -3.64
N LEU A 820 40.91 -29.57 -3.67
CA LEU A 820 41.98 -28.57 -3.70
C LEU A 820 42.05 -27.80 -5.01
N ASN A 821 41.47 -28.37 -6.06
CA ASN A 821 41.58 -27.80 -7.39
C ASN A 821 40.31 -27.99 -8.22
N SER A 822 39.90 -26.92 -8.90
CA SER A 822 38.69 -26.92 -9.70
C SER A 822 38.76 -27.88 -10.89
N ALA A 823 39.95 -28.38 -11.18
CA ALA A 823 40.14 -29.25 -12.34
C ALA A 823 39.82 -30.70 -11.99
N TYR A 824 39.53 -30.95 -10.72
CA TYR A 824 39.34 -32.32 -10.25
C TYR A 824 38.19 -33.05 -10.94
N SER A 825 37.15 -32.33 -11.36
CA SER A 825 36.00 -32.97 -11.99
C SER A 825 35.72 -32.44 -13.40
N ARG A 849 48.26 -23.63 -12.13
CA ARG A 849 47.63 -24.91 -12.48
C ARG A 849 47.38 -25.80 -11.26
N PHE A 850 48.30 -25.78 -10.29
CA PHE A 850 48.12 -26.57 -9.08
C PHE A 850 48.01 -25.67 -7.86
N ASN A 851 47.18 -26.09 -6.91
CA ASN A 851 46.90 -25.27 -5.72
C ASN A 851 47.45 -25.87 -4.44
N THR A 852 47.64 -25.00 -3.45
CA THR A 852 48.07 -25.42 -2.13
C THR A 852 47.14 -24.85 -1.06
N LEU A 853 46.67 -25.71 -0.18
CA LEU A 853 45.95 -25.24 1.00
C LEU A 853 46.90 -25.27 2.19
N THR A 854 47.12 -24.12 2.80
CA THR A 854 47.97 -24.02 3.97
C THR A 854 47.11 -23.87 5.22
N VAL A 855 47.36 -24.71 6.22
CA VAL A 855 46.67 -24.60 7.51
C VAL A 855 47.64 -24.26 8.63
N ASN A 856 47.96 -22.98 8.76
CA ASN A 856 48.96 -22.50 9.73
C ASN A 856 48.69 -22.91 11.17
N GLY A 857 47.42 -23.11 11.49
CA GLY A 857 47.02 -23.43 12.85
C GLY A 857 46.73 -24.90 13.01
N LYS A 858 45.70 -25.21 13.79
CA LYS A 858 45.33 -26.62 14.01
C LYS A 858 44.26 -27.11 13.04
N LEU A 859 44.61 -28.15 12.28
CA LEU A 859 43.62 -28.90 11.53
C LEU A 859 43.18 -30.03 12.44
N SER A 860 41.91 -30.41 12.36
CA SER A 860 41.38 -31.48 13.20
C SER A 860 40.06 -32.01 12.67
N GLY A 861 39.67 -33.18 13.15
CA GLY A 861 38.43 -33.80 12.74
C GLY A 861 38.65 -34.92 11.75
N GLN A 862 37.70 -35.10 10.84
CA GLN A 862 37.79 -36.15 9.83
C GLN A 862 37.04 -35.72 8.55
N GLY A 863 37.51 -36.21 7.41
CA GLY A 863 36.93 -35.87 6.13
C GLY A 863 37.78 -36.33 4.97
N THR A 864 37.59 -35.72 3.82
CA THR A 864 38.32 -36.09 2.61
C THR A 864 38.98 -34.90 1.96
N PHE A 865 40.20 -35.09 1.44
CA PHE A 865 40.83 -34.11 0.57
C PHE A 865 40.98 -34.70 -0.83
N GLN A 866 40.52 -33.99 -1.84
CA GLN A 866 40.64 -34.43 -3.24
C GLN A 866 41.78 -33.70 -3.96
N PHE A 867 42.71 -34.48 -4.49
CA PHE A 867 43.91 -33.95 -5.14
C PHE A 867 43.88 -34.17 -6.64
N THR A 868 44.51 -33.25 -7.38
CA THR A 868 44.90 -33.52 -8.76
C THR A 868 46.42 -33.55 -8.80
N SER A 869 46.97 -34.24 -9.79
CA SER A 869 48.43 -34.36 -9.90
C SER A 869 48.90 -34.68 -11.32
N SER A 870 50.19 -34.43 -11.55
CA SER A 870 50.86 -34.89 -12.75
C SER A 870 52.14 -35.61 -12.32
N LEU A 871 52.04 -36.92 -12.13
CA LEU A 871 53.19 -37.71 -11.70
C LEU A 871 54.34 -37.59 -12.69
N PHE A 872 54.01 -37.29 -13.94
CA PHE A 872 55.01 -37.14 -14.98
C PHE A 872 55.98 -35.99 -14.69
N GLY A 873 55.45 -34.87 -14.21
CA GLY A 873 56.30 -33.74 -13.85
C GLY A 873 56.59 -33.73 -12.36
N TYR A 874 56.02 -34.71 -11.66
CA TYR A 874 56.04 -34.77 -10.20
C TYR A 874 55.52 -33.48 -9.56
N LYS A 875 54.37 -33.02 -10.05
CA LYS A 875 53.69 -31.84 -9.53
C LYS A 875 52.30 -32.24 -9.06
N SER A 876 51.72 -31.46 -8.16
CA SER A 876 50.35 -31.71 -7.69
C SER A 876 49.82 -30.61 -6.78
N ASP A 877 48.54 -30.71 -6.42
CA ASP A 877 47.97 -29.87 -5.38
C ASP A 877 48.66 -30.24 -4.09
N LYS A 878 48.73 -29.30 -3.16
CA LYS A 878 49.45 -29.52 -1.91
C LYS A 878 48.59 -29.23 -0.69
N LEU A 879 48.82 -29.99 0.37
CA LEU A 879 48.21 -29.72 1.67
C LEU A 879 49.35 -29.46 2.64
N LYS A 880 49.48 -28.21 3.07
CA LYS A 880 50.56 -27.79 3.95
C LYS A 880 50.05 -27.62 5.38
N LEU A 881 50.55 -28.45 6.29
CA LEU A 881 50.05 -28.47 7.66
C LEU A 881 51.12 -28.09 8.67
N SER A 882 50.71 -27.90 9.92
CA SER A 882 51.62 -27.56 10.99
C SER A 882 51.79 -28.75 11.94
N ASN A 883 52.51 -28.54 13.03
CA ASN A 883 52.67 -29.58 14.04
C ASN A 883 51.36 -29.92 14.74
N ASP A 884 50.42 -28.97 14.73
CA ASP A 884 49.15 -29.15 15.41
C ASP A 884 48.16 -30.05 14.66
N ALA A 885 48.39 -30.28 13.38
CA ALA A 885 47.50 -31.12 12.59
C ALA A 885 47.24 -32.47 13.26
N GLU A 886 46.05 -33.02 13.03
CA GLU A 886 45.65 -34.31 13.61
C GLU A 886 44.29 -34.72 13.06
N GLY A 887 43.93 -35.99 13.24
CA GLY A 887 42.65 -36.49 12.75
C GLY A 887 42.78 -37.60 11.72
N ASP A 888 41.64 -38.09 11.24
CA ASP A 888 41.62 -39.15 10.23
C ASP A 888 41.06 -38.67 8.90
N TYR A 889 41.86 -38.78 7.84
CA TYR A 889 41.44 -38.24 6.55
C TYR A 889 41.67 -39.21 5.40
N ILE A 890 40.86 -39.05 4.36
CA ILE A 890 41.01 -39.84 3.15
C ILE A 890 41.62 -38.95 2.07
N LEU A 891 42.60 -39.49 1.36
CA LEU A 891 43.22 -38.78 0.24
C LEU A 891 42.77 -39.42 -1.06
N SER A 892 42.19 -38.61 -1.93
CA SER A 892 41.78 -39.08 -3.25
C SER A 892 42.58 -38.32 -4.29
N VAL A 893 43.16 -39.06 -5.24
CA VAL A 893 44.05 -38.43 -6.21
C VAL A 893 43.63 -38.72 -7.64
N ARG A 894 43.53 -37.67 -8.45
CA ARG A 894 43.32 -37.79 -9.88
C ARG A 894 44.54 -37.31 -10.64
N ASN A 895 45.17 -38.20 -11.41
CA ASN A 895 46.45 -37.95 -12.08
C ASN A 895 46.29 -37.91 -13.54
N THR A 896 47.07 -37.06 -14.17
CA THR A 896 47.20 -36.99 -15.60
C THR A 896 48.66 -36.80 -15.87
N GLY A 897 49.09 -36.70 -17.10
CA GLY A 897 48.97 -37.64 -18.17
C GLY A 897 50.02 -38.75 -18.15
N LYS A 898 51.19 -38.52 -18.73
CA LYS A 898 52.13 -39.58 -19.01
C LYS A 898 52.69 -40.35 -17.82
N GLU A 899 53.29 -41.50 -18.10
CA GLU A 899 54.09 -42.24 -17.15
C GLU A 899 55.45 -41.54 -16.94
N PRO A 900 55.88 -41.39 -15.70
CA PRO A 900 57.03 -40.56 -15.44
C PRO A 900 58.30 -41.17 -16.02
N GLU A 901 59.09 -40.33 -16.67
CA GLU A 901 60.37 -40.79 -17.23
C GLU A 901 61.48 -40.72 -16.19
N THR A 902 61.11 -40.88 -14.93
CA THR A 902 62.04 -40.92 -13.81
C THR A 902 61.34 -41.36 -12.54
N LEU A 903 62.10 -41.82 -11.56
CA LEU A 903 61.53 -42.30 -10.30
C LEU A 903 61.79 -41.35 -9.12
N GLU A 904 60.75 -40.66 -8.69
CA GLU A 904 60.83 -39.78 -7.54
C GLU A 904 59.64 -40.04 -6.62
N GLN A 905 59.59 -39.30 -5.51
CA GLN A 905 58.42 -39.29 -4.66
C GLN A 905 57.62 -38.00 -4.90
N LEU A 906 56.28 -38.10 -4.83
CA LEU A 906 55.45 -36.91 -4.93
C LEU A 906 54.84 -36.60 -3.56
N THR A 907 55.28 -35.51 -2.96
CA THR A 907 54.72 -35.08 -1.68
C THR A 907 53.28 -34.59 -1.88
N LEU A 908 52.36 -35.08 -1.05
CA LEU A 908 50.98 -34.63 -1.10
C LEU A 908 50.65 -33.78 0.14
N VAL A 909 51.04 -34.29 1.30
CA VAL A 909 50.85 -33.57 2.55
C VAL A 909 52.20 -33.27 3.18
N GLU A 910 52.47 -32.00 3.44
CA GLU A 910 53.77 -31.58 3.96
C GLU A 910 53.64 -30.71 5.20
N SER A 911 54.78 -30.38 5.78
CA SER A 911 54.82 -29.48 6.92
C SER A 911 55.11 -28.06 6.44
N LYS A 912 54.64 -27.08 7.20
CA LYS A 912 54.82 -25.68 6.85
C LYS A 912 56.25 -25.25 6.99
N ASP A 913 57.04 -26.03 7.72
CA ASP A 913 58.47 -25.89 7.78
C ASP A 913 59.06 -27.29 8.02
N ASN A 914 60.29 -27.33 8.51
CA ASN A 914 61.03 -28.57 8.64
C ASN A 914 60.58 -29.52 9.74
N GLN A 915 59.81 -29.10 10.72
CA GLN A 915 59.32 -30.07 11.69
C GLN A 915 58.39 -31.09 11.05
N PRO A 916 58.39 -32.31 11.57
CA PRO A 916 57.60 -33.41 11.07
C PRO A 916 56.12 -33.38 11.46
N LEU A 917 55.26 -33.94 10.64
CA LEU A 917 53.83 -33.93 10.94
C LEU A 917 53.52 -34.89 12.09
N SER A 918 52.54 -34.51 12.91
CA SER A 918 52.16 -35.29 14.08
C SER A 918 51.81 -36.74 13.76
N ASP A 919 52.00 -37.62 14.74
CA ASP A 919 51.58 -39.02 14.62
C ASP A 919 50.08 -39.17 14.83
N LYS A 920 49.45 -38.12 15.34
CA LYS A 920 48.01 -38.11 15.54
C LYS A 920 47.32 -37.81 14.22
N LEU A 921 48.11 -37.44 13.22
CA LEU A 921 47.62 -37.21 11.87
C LEU A 921 47.59 -38.53 11.09
N LYS A 922 46.45 -38.87 10.50
CA LYS A 922 46.33 -40.13 9.78
C LYS A 922 45.68 -39.96 8.42
N PHE A 923 46.36 -40.43 7.38
CA PHE A 923 45.86 -40.37 6.01
C PHE A 923 45.72 -41.74 5.37
N THR A 924 44.74 -41.85 4.48
CA THR A 924 44.50 -43.08 3.75
C THR A 924 44.23 -42.76 2.29
N LEU A 925 44.99 -43.40 1.40
CA LEU A 925 44.79 -43.19 -0.02
C LEU A 925 43.57 -43.97 -0.51
N GLU A 926 42.67 -43.29 -1.23
CA GLU A 926 41.50 -43.93 -1.80
C GLU A 926 41.93 -44.83 -2.95
N ASN A 927 41.32 -46.01 -3.04
CA ASN A 927 41.71 -47.02 -4.02
C ASN A 927 43.07 -47.61 -3.70
N ASP A 928 43.64 -47.17 -2.58
CA ASP A 928 44.88 -47.74 -2.07
C ASP A 928 46.11 -47.42 -2.91
N HIS A 929 45.91 -46.90 -4.12
CA HIS A 929 47.05 -46.66 -4.99
C HIS A 929 46.71 -45.77 -6.19
N VAL A 930 47.76 -45.17 -6.77
CA VAL A 930 47.62 -44.35 -7.97
C VAL A 930 48.52 -44.92 -9.05
N ASP A 931 47.97 -45.10 -10.26
CA ASP A 931 48.73 -45.63 -11.38
C ASP A 931 49.01 -44.57 -12.44
N ALA A 932 50.26 -44.52 -12.90
CA ALA A 932 50.64 -43.67 -14.03
C ALA A 932 51.33 -44.55 -15.07
N GLY A 933 50.53 -45.22 -15.88
CA GLY A 933 51.06 -46.21 -16.80
C GLY A 933 51.41 -47.45 -16.01
N ALA A 934 52.62 -47.98 -16.24
CA ALA A 934 53.07 -49.19 -15.56
C ALA A 934 53.50 -48.92 -14.12
N LEU A 935 53.56 -47.64 -13.75
CA LEU A 935 54.07 -47.26 -12.44
C LEU A 935 52.98 -47.11 -11.37
N ARG A 936 53.14 -47.88 -10.31
CA ARG A 936 52.18 -47.94 -9.21
C ARG A 936 52.73 -47.19 -7.99
N TYR A 937 52.02 -46.16 -7.57
CA TYR A 937 52.41 -45.40 -6.37
C TYR A 937 51.44 -45.64 -5.23
N LYS A 938 51.97 -45.73 -4.02
CA LYS A 938 51.16 -45.89 -2.83
C LYS A 938 51.46 -44.73 -1.88
N LEU A 939 50.70 -44.63 -0.80
CA LEU A 939 50.88 -43.56 0.17
C LEU A 939 51.72 -44.01 1.35
N VAL A 940 52.74 -43.22 1.68
CA VAL A 940 53.64 -43.55 2.79
C VAL A 940 53.93 -42.30 3.62
N LYS A 941 54.23 -42.50 4.90
CA LYS A 941 54.75 -41.40 5.69
C LYS A 941 56.26 -41.51 5.77
N ASN A 942 56.93 -40.72 4.95
CA ASN A 942 58.38 -40.79 4.83
C ASN A 942 59.01 -39.45 5.17
N ASP A 943 59.88 -39.45 6.17
CA ASP A 943 60.62 -38.24 6.50
C ASP A 943 59.67 -37.13 6.96
N GLY A 944 58.69 -37.50 7.77
CA GLY A 944 57.77 -36.54 8.36
C GLY A 944 56.68 -36.00 7.47
N GLU A 945 56.61 -36.49 6.23
CA GLU A 945 55.62 -36.02 5.25
C GLU A 945 54.95 -37.20 4.55
N PHE A 946 53.75 -36.95 4.01
CA PHE A 946 52.99 -37.98 3.31
C PHE A 946 53.18 -37.90 1.81
N ARG A 947 53.82 -38.91 1.24
CA ARG A 947 54.20 -38.88 -0.16
C ARG A 947 53.68 -40.08 -0.94
N LEU A 948 53.56 -39.91 -2.26
CA LEU A 948 53.30 -41.00 -3.18
C LEU A 948 54.61 -41.66 -3.54
N HIS A 949 54.66 -42.98 -3.38
CA HIS A 949 55.92 -43.70 -3.46
C HIS A 949 55.77 -44.93 -4.36
N ASN A 950 56.82 -45.24 -5.11
CA ASN A 950 56.86 -46.43 -5.94
C ASN A 950 57.76 -47.50 -5.32
N PRO A 951 57.16 -48.61 -4.87
CA PRO A 951 57.91 -49.70 -4.25
C PRO A 951 58.90 -50.36 -5.23
#